data_3PHW
#
_entry.id   3PHW
#
_cell.length_a   79.440
_cell.length_b   106.170
_cell.length_c   111.460
_cell.angle_alpha   90.00
_cell.angle_beta   90.00
_cell.angle_gamma   90.00
#
_symmetry.space_group_name_H-M   'P 21 21 21'
#
loop_
_entity.id
_entity.type
_entity.pdbx_description
1 polymer 'RNA-directed RNA polymerase L'
2 polymer 'Ubiquitin-40S ribosomal protein S27a'
3 non-polymer ETHANAMINE
4 water water
#
loop_
_entity_poly.entity_id
_entity_poly.type
_entity_poly.pdbx_seq_one_letter_code
_entity_poly.pdbx_strand_id
1 'polypeptide(L)'
;GPMDFLRSLDWTQVIAGQYVSNPRFNISDYFEIVRQPGDGNCFYHSIAELTMPNKTDHSYHYIKRLTESAARKYYQEEPE
ARLVGLSLEDYLKRMLSDNEWGSTLEASMLAKEMGITIIIWTVAASDEVEAGIKFGDGDVFTAVNLLHSGQTHFDALRIL
PQFETDTREALSLMDRVIAVDQLTS
;
A,C,E,G
2 'polypeptide(L)' MQIFVKTLTGKTITLEVEPSDTIENVKAKIQDKEGIPPDQQRLIFAGKQLEDGRTLSDYNIQKESTLHLVLRLRG B,D,F,H
#
# COMPACT_ATOMS: atom_id res chain seq x y z
N PHE A 5 14.84 18.82 10.92
CA PHE A 5 13.58 19.09 10.26
C PHE A 5 13.22 18.00 9.27
N LEU A 6 14.23 17.48 8.58
CA LEU A 6 14.01 16.44 7.58
C LEU A 6 13.52 15.14 8.20
N ARG A 7 13.78 14.94 9.48
CA ARG A 7 13.32 13.77 10.20
C ARG A 7 11.84 13.91 10.58
N SER A 8 11.34 15.14 10.58
CA SER A 8 10.00 15.45 11.05
C SER A 8 8.90 15.23 10.01
N LEU A 9 9.26 14.80 8.81
CA LEU A 9 8.31 14.72 7.72
C LEU A 9 7.13 13.80 8.08
N ASP A 10 5.93 14.26 7.77
CA ASP A 10 4.72 13.49 8.03
C ASP A 10 4.16 12.92 6.73
N TRP A 11 4.50 11.66 6.46
CA TRP A 11 4.02 10.95 5.27
C TRP A 11 2.72 10.20 5.53
N THR A 12 1.73 10.44 4.68
CA THR A 12 0.48 9.70 4.73
C THR A 12 0.45 8.64 3.62
N GLN A 13 0.25 7.39 4.01
CA GLN A 13 0.08 6.31 3.04
C GLN A 13 -1.27 6.49 2.36
N VAL A 14 -1.28 6.64 1.05
CA VAL A 14 -2.54 6.83 0.33
C VAL A 14 -2.96 5.54 -0.37
N ILE A 15 -1.99 4.87 -0.96
CA ILE A 15 -2.27 3.69 -1.72
C ILE A 15 -1.00 2.85 -1.66
N ALA A 16 -1.13 1.54 -1.85
CA ALA A 16 0.00 0.63 -1.68
C ALA A 16 1.32 1.19 -2.22
N GLY A 17 2.28 1.40 -1.33
CA GLY A 17 3.62 1.82 -1.73
C GLY A 17 3.81 3.30 -2.02
N GLN A 18 2.76 4.11 -1.86
CA GLN A 18 2.84 5.53 -2.20
C GLN A 18 2.37 6.47 -1.07
N TYR A 19 3.22 7.43 -0.71
CA TYR A 19 2.93 8.33 0.38
C TYR A 19 2.96 9.77 -0.10
N VAL A 20 2.19 10.62 0.55
CA VAL A 20 2.21 12.05 0.27
C VAL A 20 2.60 12.84 1.52
N SER A 21 3.37 13.91 1.35
CA SER A 21 3.67 14.80 2.46
C SER A 21 3.50 16.27 2.06
N ASN A 22 3.17 17.11 3.03
CA ASN A 22 3.01 18.53 2.75
C ASN A 22 3.82 19.44 3.68
N PRO A 23 5.16 19.27 3.69
CA PRO A 23 6.02 20.12 4.50
C PRO A 23 6.18 21.48 3.86
N ARG A 24 6.63 22.45 4.64
CA ARG A 24 6.87 23.78 4.11
C ARG A 24 8.35 24.11 4.30
N PHE A 25 9.07 24.24 3.20
CA PHE A 25 10.49 24.60 3.26
C PHE A 25 11.00 25.13 1.92
N ASN A 26 12.15 25.80 1.97
CA ASN A 26 12.93 26.18 0.79
C ASN A 26 13.78 24.99 0.33
N ILE A 27 13.52 24.49 -0.88
CA ILE A 27 14.37 23.43 -1.45
C ILE A 27 15.86 23.70 -1.20
N SER A 28 16.31 24.89 -1.56
CA SER A 28 17.73 25.26 -1.50
C SER A 28 18.33 25.27 -0.08
N ASP A 29 17.47 25.31 0.93
CA ASP A 29 17.95 25.27 2.30
C ASP A 29 18.44 23.89 2.70
N TYR A 30 17.95 22.86 2.03
CA TYR A 30 18.29 21.49 2.38
C TYR A 30 18.91 20.67 1.25
N PHE A 31 18.77 21.14 0.01
CA PHE A 31 19.27 20.38 -1.12
C PHE A 31 20.10 21.23 -2.08
N GLU A 32 21.05 20.57 -2.73
CA GLU A 32 21.68 21.09 -3.93
C GLU A 32 20.84 20.58 -5.10
N ILE A 33 20.57 21.45 -6.05
CA ILE A 33 19.81 21.10 -7.23
C ILE A 33 20.77 20.84 -8.38
N VAL A 34 20.74 19.64 -8.93
CA VAL A 34 21.59 19.31 -10.05
C VAL A 34 20.75 19.37 -11.32
N ARG A 35 20.82 20.49 -12.02
CA ARG A 35 20.02 20.69 -13.22
C ARG A 35 20.32 19.64 -14.27
N GLN A 36 19.26 19.17 -14.93
CA GLN A 36 19.33 18.17 -15.99
C GLN A 36 18.88 18.76 -17.33
N PRO A 37 19.37 18.19 -18.44
CA PRO A 37 19.11 18.69 -19.80
C PRO A 37 17.63 18.91 -20.07
N GLY A 38 17.32 20.00 -20.78
CA GLY A 38 15.96 20.34 -21.13
C GLY A 38 15.45 19.61 -22.37
N ASP A 39 15.88 18.38 -22.54
CA ASP A 39 15.30 17.52 -23.56
C ASP A 39 14.16 16.75 -22.92
N GLY A 40 13.61 15.77 -23.63
CA GLY A 40 12.47 15.03 -23.12
C GLY A 40 12.83 13.93 -22.14
N ASN A 41 14.11 13.84 -21.78
CA ASN A 41 14.57 12.72 -20.97
C ASN A 41 14.97 13.13 -19.55
N CYS A 42 14.65 14.36 -19.16
CA CYS A 42 15.07 14.90 -17.86
C CYS A 42 14.77 13.98 -16.67
N PHE A 43 13.64 13.28 -16.72
CA PHE A 43 13.25 12.37 -15.65
C PHE A 43 14.29 11.28 -15.48
N TYR A 44 14.67 10.68 -16.59
CA TYR A 44 15.62 9.59 -16.58
C TYR A 44 17.01 10.11 -16.32
N HIS A 45 17.29 11.33 -16.79
CA HIS A 45 18.58 11.95 -16.50
C HIS A 45 18.69 12.08 -14.99
N SER A 46 17.61 12.55 -14.37
CA SER A 46 17.61 12.80 -12.92
C SER A 46 17.84 11.52 -12.13
N ILE A 47 17.07 10.47 -12.43
CA ILE A 47 17.32 9.18 -11.79
C ILE A 47 18.79 8.77 -11.95
N ALA A 48 19.27 8.75 -13.20
CA ALA A 48 20.66 8.37 -13.51
C ALA A 48 21.66 9.17 -12.67
N GLU A 49 21.46 10.48 -12.60
CA GLU A 49 22.35 11.34 -11.83
C GLU A 49 22.54 10.81 -10.39
N LEU A 50 21.47 10.28 -9.82
CA LEU A 50 21.51 9.91 -8.40
C LEU A 50 21.78 8.44 -8.14
N THR A 51 21.77 7.63 -9.19
CA THR A 51 21.94 6.19 -9.02
C THR A 51 23.23 5.66 -9.69
N MET A 52 23.69 6.32 -10.75
CA MET A 52 24.76 5.78 -11.60
C MET A 52 26.07 6.55 -11.50
N PRO A 53 27.16 5.84 -11.20
CA PRO A 53 28.51 6.41 -11.13
C PRO A 53 28.97 6.89 -12.50
N ASN A 54 29.82 7.90 -12.54
CA ASN A 54 30.35 8.42 -13.79
C ASN A 54 29.22 8.65 -14.79
N LYS A 55 28.19 9.35 -14.34
CA LYS A 55 26.99 9.54 -15.14
C LYS A 55 27.28 10.54 -16.25
N THR A 56 26.63 10.35 -17.40
CA THR A 56 26.78 11.25 -18.54
C THR A 56 25.41 11.54 -19.14
N ASP A 57 25.40 12.38 -20.17
CA ASP A 57 24.15 12.68 -20.86
C ASP A 57 23.58 11.47 -21.61
N HIS A 58 24.30 10.34 -21.60
CA HIS A 58 23.77 9.12 -22.22
C HIS A 58 23.37 8.05 -21.23
N SER A 59 23.68 8.26 -19.96
CA SER A 59 23.40 7.27 -18.92
C SER A 59 21.91 6.93 -18.76
N TYR A 60 21.04 7.85 -19.14
CA TYR A 60 19.60 7.66 -18.96
C TYR A 60 19.03 6.47 -19.75
N HIS A 61 19.69 6.07 -20.83
CA HIS A 61 19.22 4.92 -21.58
C HIS A 61 19.05 3.70 -20.69
N TYR A 62 19.93 3.58 -19.70
CA TYR A 62 19.88 2.44 -18.78
C TYR A 62 18.68 2.47 -17.84
N ILE A 63 18.33 3.65 -17.35
CA ILE A 63 17.15 3.81 -16.52
C ILE A 63 15.91 3.42 -17.30
N LYS A 64 15.89 3.78 -18.59
CA LYS A 64 14.77 3.44 -19.46
C LYS A 64 14.66 1.93 -19.72
N ARG A 65 15.82 1.26 -19.76
CA ARG A 65 15.86 -0.19 -19.84
C ARG A 65 15.30 -0.83 -18.58
N LEU A 66 15.67 -0.28 -17.42
CA LEU A 66 15.14 -0.78 -16.15
C LEU A 66 13.65 -0.48 -16.06
N THR A 67 13.23 0.62 -16.67
CA THR A 67 11.80 0.97 -16.71
C THR A 67 11.03 -0.03 -17.55
N GLU A 68 11.58 -0.40 -18.71
CA GLU A 68 10.97 -1.46 -19.53
C GLU A 68 10.81 -2.76 -18.76
N SER A 69 11.92 -3.23 -18.19
CA SER A 69 11.93 -4.44 -17.37
C SER A 69 10.93 -4.35 -16.21
N ALA A 70 10.82 -3.17 -15.61
CA ALA A 70 9.90 -2.96 -14.49
C ALA A 70 8.46 -3.08 -14.96
N ALA A 71 8.13 -2.42 -16.06
CA ALA A 71 6.76 -2.42 -16.57
C ALA A 71 6.27 -3.85 -16.85
N ARG A 72 7.14 -4.68 -17.44
CA ARG A 72 6.76 -6.05 -17.78
C ARG A 72 6.26 -6.82 -16.56
N LYS A 73 6.80 -6.48 -15.39
CA LYS A 73 6.39 -7.13 -14.15
C LYS A 73 5.30 -6.39 -13.36
N TYR A 74 5.21 -5.07 -13.55
CA TYR A 74 4.39 -4.25 -12.66
C TYR A 74 3.32 -3.42 -13.34
N TYR A 75 3.45 -3.21 -14.65
CA TYR A 75 2.59 -2.26 -15.35
C TYR A 75 1.10 -2.59 -15.23
N GLN A 76 0.75 -3.86 -15.42
CA GLN A 76 -0.66 -4.23 -15.43
C GLN A 76 -1.33 -4.01 -14.07
N GLU A 77 -0.52 -4.05 -13.01
CA GLU A 77 -1.03 -3.89 -11.64
C GLU A 77 -0.93 -2.44 -11.15
N GLU A 78 -0.20 -1.59 -11.88
CA GLU A 78 0.01 -0.20 -11.48
C GLU A 78 -1.28 0.62 -11.56
N PRO A 79 -1.73 1.17 -10.43
CA PRO A 79 -2.96 1.97 -10.48
C PRO A 79 -2.85 3.13 -11.46
N GLU A 80 -1.66 3.72 -11.59
CA GLU A 80 -1.50 4.90 -12.44
C GLU A 80 -1.53 4.55 -13.92
N ALA A 81 -1.28 3.27 -14.23
CA ALA A 81 -1.40 2.79 -15.60
C ALA A 81 -2.81 2.97 -16.16
N ARG A 82 -3.80 2.97 -15.27
CA ARG A 82 -5.21 3.13 -15.68
C ARG A 82 -5.47 4.49 -16.35
N LEU A 83 -4.64 5.47 -16.03
CA LEU A 83 -4.72 6.77 -16.68
C LEU A 83 -4.03 6.72 -18.04
N VAL A 84 -3.10 5.78 -18.19
CA VAL A 84 -2.50 5.54 -19.49
C VAL A 84 -3.48 4.77 -20.35
N GLY A 85 -3.99 3.67 -19.81
CA GLY A 85 -4.98 2.85 -20.49
C GLY A 85 -4.40 1.94 -21.56
N LEU A 86 -3.19 2.25 -22.02
CA LEU A 86 -2.55 1.45 -23.06
C LEU A 86 -2.28 0.03 -22.58
N SER A 87 -2.17 -0.90 -23.52
CA SER A 87 -1.71 -2.24 -23.19
C SER A 87 -0.23 -2.13 -22.84
N LEU A 88 0.32 -3.19 -22.26
CA LEU A 88 1.74 -3.23 -21.94
C LEU A 88 2.61 -2.97 -23.18
N GLU A 89 2.23 -3.52 -24.32
CA GLU A 89 3.05 -3.42 -25.53
C GLU A 89 3.06 -2.02 -26.13
N ASP A 90 1.89 -1.41 -26.27
CA ASP A 90 1.82 -0.05 -26.79
C ASP A 90 2.45 0.99 -25.85
N TYR A 91 2.36 0.75 -24.54
CA TYR A 91 2.96 1.67 -23.58
C TYR A 91 4.49 1.64 -23.73
N LEU A 92 5.05 0.44 -23.82
CA LEU A 92 6.49 0.28 -23.97
C LEU A 92 7.03 1.01 -25.19
N LYS A 93 6.40 0.77 -26.34
CA LYS A 93 6.77 1.44 -27.59
C LYS A 93 6.83 2.96 -27.39
N ARG A 94 5.86 3.48 -26.65
CA ARG A 94 5.79 4.93 -26.45
C ARG A 94 6.80 5.40 -25.40
N MET A 95 6.90 4.66 -24.29
CA MET A 95 7.87 4.96 -23.25
C MET A 95 9.29 4.98 -23.80
N LEU A 96 9.64 3.96 -24.58
CA LEU A 96 10.99 3.83 -25.10
C LEU A 96 11.29 4.84 -26.21
N SER A 97 10.25 5.50 -26.70
CA SER A 97 10.39 6.47 -27.79
C SER A 97 11.37 7.58 -27.44
N ASP A 98 12.07 8.06 -28.45
CA ASP A 98 13.01 9.17 -28.31
C ASP A 98 12.38 10.40 -27.65
N ASN A 99 13.02 10.89 -26.59
CA ASN A 99 12.61 12.13 -25.95
C ASN A 99 11.25 12.13 -25.29
N GLU A 100 10.74 10.95 -24.95
CA GLU A 100 9.43 10.85 -24.32
C GLU A 100 9.50 11.18 -22.82
N TRP A 101 8.45 11.83 -22.31
CA TRP A 101 8.42 12.22 -20.90
C TRP A 101 8.24 11.05 -19.93
N GLY A 102 9.06 11.04 -18.88
CA GLY A 102 8.88 10.13 -17.76
C GLY A 102 7.85 10.73 -16.83
N SER A 103 7.52 10.05 -15.75
CA SER A 103 6.45 10.49 -14.86
C SER A 103 6.35 9.69 -13.56
N THR A 104 5.35 10.02 -12.74
CA THR A 104 5.11 9.27 -11.49
C THR A 104 4.82 7.78 -11.76
N LEU A 105 4.28 7.48 -12.94
CA LEU A 105 4.06 6.08 -13.30
C LEU A 105 5.40 5.34 -13.33
N GLU A 106 6.37 5.87 -14.07
CA GLU A 106 7.66 5.21 -14.16
C GLU A 106 8.31 5.18 -12.77
N ALA A 107 8.22 6.30 -12.05
CA ALA A 107 8.79 6.39 -10.70
C ALA A 107 8.31 5.27 -9.80
N SER A 108 7.00 5.01 -9.81
CA SER A 108 6.43 3.93 -9.04
C SER A 108 7.03 2.57 -9.43
N MET A 109 7.10 2.31 -10.73
CA MET A 109 7.62 1.04 -11.23
C MET A 109 9.12 0.89 -10.99
N LEU A 110 9.88 1.95 -11.24
CA LEU A 110 11.32 1.91 -10.97
C LEU A 110 11.64 1.68 -9.50
N ALA A 111 10.89 2.34 -8.61
CA ALA A 111 11.14 2.18 -7.17
C ALA A 111 11.18 0.70 -6.80
N LYS A 112 10.24 -0.07 -7.33
CA LYS A 112 10.17 -1.52 -7.05
C LYS A 112 11.25 -2.30 -7.80
N GLU A 113 11.46 -1.94 -9.06
CA GLU A 113 12.44 -2.63 -9.88
C GLU A 113 13.87 -2.42 -9.37
N MET A 114 14.19 -1.20 -8.96
CA MET A 114 15.55 -0.90 -8.48
C MET A 114 15.68 -1.15 -6.98
N GLY A 115 14.57 -1.45 -6.32
CA GLY A 115 14.57 -1.61 -4.88
C GLY A 115 14.99 -0.34 -4.16
N ILE A 116 14.50 0.80 -4.64
CA ILE A 116 14.81 2.09 -4.02
C ILE A 116 13.52 2.82 -3.65
N THR A 117 13.68 3.91 -2.92
CA THR A 117 12.58 4.83 -2.73
C THR A 117 12.86 6.06 -3.60
N ILE A 118 11.83 6.57 -4.26
CA ILE A 118 11.96 7.75 -5.08
C ILE A 118 11.00 8.79 -4.51
N ILE A 119 11.49 10.00 -4.31
CA ILE A 119 10.64 11.06 -3.80
C ILE A 119 10.61 12.15 -4.83
N ILE A 120 9.41 12.65 -5.12
CA ILE A 120 9.23 13.70 -6.09
C ILE A 120 8.69 14.93 -5.41
N TRP A 121 9.49 15.98 -5.39
CA TRP A 121 9.12 17.24 -4.77
C TRP A 121 8.64 18.18 -5.85
N THR A 122 7.33 18.40 -5.90
CA THR A 122 6.73 19.26 -6.90
C THR A 122 6.63 20.69 -6.32
N VAL A 123 7.23 21.66 -7.00
CA VAL A 123 7.20 23.04 -6.53
C VAL A 123 6.20 23.88 -7.33
N GLU A 128 9.16 27.03 -3.87
CA GLU A 128 8.83 26.47 -2.56
C GLU A 128 7.95 25.22 -2.69
N VAL A 129 8.25 24.22 -1.87
CA VAL A 129 7.57 22.92 -1.96
C VAL A 129 6.05 23.00 -1.79
N GLU A 130 5.32 22.42 -2.75
CA GLU A 130 3.87 22.29 -2.67
C GLU A 130 3.44 20.97 -2.04
N ALA A 131 4.27 19.95 -2.23
CA ALA A 131 3.99 18.60 -1.73
C ALA A 131 5.11 17.67 -2.13
N GLY A 132 5.23 16.54 -1.46
CA GLY A 132 6.10 15.47 -1.88
C GLY A 132 5.30 14.21 -2.09
N ILE A 133 5.68 13.44 -3.10
CA ILE A 133 5.09 12.13 -3.34
C ILE A 133 6.19 11.08 -3.28
N LYS A 134 6.04 10.12 -2.37
CA LYS A 134 7.07 9.11 -2.14
C LYS A 134 6.64 7.76 -2.70
N PHE A 135 7.51 7.16 -3.49
CA PHE A 135 7.28 5.82 -4.05
C PHE A 135 8.33 4.89 -3.45
N GLY A 136 7.89 4.04 -2.52
CA GLY A 136 8.82 3.23 -1.77
C GLY A 136 8.63 3.51 -0.29
N ASP A 137 9.19 2.67 0.56
CA ASP A 137 8.91 2.74 1.98
C ASP A 137 10.11 3.26 2.77
N GLY A 138 11.10 3.81 2.07
CA GLY A 138 12.26 4.39 2.72
C GLY A 138 12.02 5.81 3.17
N ASP A 139 13.03 6.45 3.74
CA ASP A 139 12.90 7.84 4.16
C ASP A 139 13.73 8.74 3.25
N VAL A 140 13.57 10.04 3.41
CA VAL A 140 14.21 11.00 2.51
C VAL A 140 15.74 10.88 2.47
N PHE A 141 16.35 10.48 3.59
CA PHE A 141 17.80 10.42 3.67
C PHE A 141 18.42 9.33 2.79
N THR A 142 17.63 8.29 2.50
CA THR A 142 18.09 7.17 1.71
C THR A 142 17.49 7.21 0.31
N ALA A 143 16.57 8.15 0.11
CA ALA A 143 15.77 8.18 -1.12
C ALA A 143 16.47 8.89 -2.27
N VAL A 144 16.04 8.57 -3.48
CA VAL A 144 16.38 9.31 -4.67
C VAL A 144 15.41 10.49 -4.81
N ASN A 145 15.87 11.69 -4.47
CA ASN A 145 15.03 12.88 -4.46
C ASN A 145 15.04 13.66 -5.78
N LEU A 146 13.85 13.84 -6.37
CA LEU A 146 13.68 14.62 -7.60
C LEU A 146 12.92 15.95 -7.39
N LEU A 147 13.22 16.94 -8.22
CA LEU A 147 12.53 18.22 -8.20
C LEU A 147 11.65 18.37 -9.45
N HIS A 148 10.34 18.43 -9.25
CA HIS A 148 9.41 18.62 -10.35
C HIS A 148 8.95 20.09 -10.40
N SER A 149 9.20 20.76 -11.52
CA SER A 149 8.93 22.18 -11.66
C SER A 149 8.30 22.49 -13.01
N GLY A 150 7.55 23.58 -13.10
CA GLY A 150 6.86 23.95 -14.32
C GLY A 150 5.81 22.96 -14.79
N GLN A 151 5.52 21.96 -13.96
CA GLN A 151 4.66 20.85 -14.37
C GLN A 151 5.21 20.17 -15.61
N THR A 152 6.46 20.45 -15.95
CA THR A 152 7.01 19.92 -17.20
C THR A 152 8.46 19.47 -17.09
N HIS A 153 9.03 19.50 -15.90
CA HIS A 153 10.48 19.30 -15.78
C HIS A 153 10.94 18.65 -14.48
N PHE A 154 11.94 17.77 -14.60
CA PHE A 154 12.56 17.11 -13.46
C PHE A 154 14.06 17.45 -13.37
N ASP A 155 14.52 17.79 -12.16
CA ASP A 155 15.94 17.84 -11.88
C ASP A 155 16.27 16.89 -10.73
N ALA A 156 17.55 16.69 -10.46
CA ALA A 156 17.98 15.86 -9.34
C ALA A 156 18.26 16.72 -8.10
N LEU A 157 17.95 16.16 -6.93
CA LEU A 157 18.28 16.81 -5.66
C LEU A 157 19.24 15.94 -4.85
N ARG A 158 20.22 16.59 -4.23
CA ARG A 158 21.10 15.95 -3.26
C ARG A 158 21.05 16.69 -1.95
N ILE A 159 20.85 15.95 -0.86
CA ILE A 159 20.81 16.57 0.45
C ILE A 159 22.17 17.23 0.71
N LEU A 160 22.14 18.49 1.10
CA LEU A 160 23.35 19.20 1.44
C LEU A 160 24.09 18.47 2.55
N PRO A 161 25.43 18.39 2.43
CA PRO A 161 26.30 17.63 3.32
C PRO A 161 26.04 17.87 4.82
N GLN A 162 25.81 19.12 5.19
CA GLN A 162 25.61 19.47 6.59
C GLN A 162 24.37 18.76 7.18
N PHE A 163 23.43 18.40 6.32
CA PHE A 163 22.23 17.70 6.78
C PHE A 163 22.32 16.20 6.56
N GLU A 164 23.42 15.73 5.99
CA GLU A 164 23.62 14.31 5.76
C GLU A 164 24.06 13.61 7.05
N MET B 1 -25.30 15.29 -1.63
CA MET B 1 -24.65 14.94 -0.37
C MET B 1 -23.23 15.50 -0.36
N GLN B 2 -22.67 15.66 0.83
CA GLN B 2 -21.36 16.30 0.97
C GLN B 2 -20.26 15.26 1.13
N ILE B 3 -19.17 15.44 0.40
CA ILE B 3 -17.97 14.67 0.65
C ILE B 3 -16.77 15.62 0.77
N PHE B 4 -15.65 15.10 1.22
CA PHE B 4 -14.44 15.89 1.34
C PHE B 4 -13.34 15.34 0.46
N VAL B 5 -12.47 16.23 -0.01
CA VAL B 5 -11.32 15.81 -0.82
C VAL B 5 -10.07 16.45 -0.26
N LYS B 6 -9.07 15.64 0.06
CA LYS B 6 -7.78 16.19 0.46
C LYS B 6 -6.87 16.27 -0.75
N THR B 7 -6.56 17.47 -1.18
CA THR B 7 -5.79 17.67 -2.41
C THR B 7 -4.34 17.26 -2.22
N LEU B 8 -3.59 17.24 -3.31
CA LEU B 8 -2.18 16.88 -3.24
C LEU B 8 -1.42 17.90 -2.38
N THR B 9 -1.79 19.16 -2.54
CA THR B 9 -1.21 20.25 -1.75
C THR B 9 -1.65 20.23 -0.30
N GLY B 10 -2.49 19.26 0.07
CA GLY B 10 -2.81 19.03 1.47
C GLY B 10 -4.07 19.74 1.95
N LYS B 11 -4.72 20.44 1.03
CA LYS B 11 -5.91 21.24 1.33
C LYS B 11 -7.19 20.38 1.37
N THR B 12 -7.96 20.51 2.44
CA THR B 12 -9.19 19.74 2.56
C THR B 12 -10.41 20.56 2.12
N ILE B 13 -11.01 20.18 1.01
CA ILE B 13 -12.15 20.93 0.47
C ILE B 13 -13.44 20.13 0.56
N THR B 14 -14.57 20.83 0.46
CA THR B 14 -15.87 20.18 0.45
C THR B 14 -16.38 20.13 -0.97
N LEU B 15 -17.18 19.14 -1.28
CA LEU B 15 -17.73 18.99 -2.61
C LEU B 15 -19.17 18.49 -2.48
N GLU B 16 -20.06 19.00 -3.30
CA GLU B 16 -21.44 18.54 -3.31
C GLU B 16 -21.64 17.54 -4.45
N VAL B 17 -21.94 16.29 -4.10
CA VAL B 17 -22.07 15.22 -5.09
C VAL B 17 -23.32 14.37 -4.89
N GLU B 18 -23.62 13.53 -5.87
CA GLU B 18 -24.67 12.52 -5.74
C GLU B 18 -24.04 11.14 -5.74
N PRO B 19 -24.73 10.15 -5.13
CA PRO B 19 -24.22 8.78 -5.11
C PRO B 19 -24.02 8.23 -6.52
N SER B 20 -24.83 8.72 -7.45
CA SER B 20 -24.83 8.23 -8.82
C SER B 20 -23.81 8.95 -9.71
N ASP B 21 -23.14 9.95 -9.14
CA ASP B 21 -22.08 10.67 -9.85
C ASP B 21 -20.97 9.71 -10.24
N THR B 22 -20.46 9.86 -11.46
CA THR B 22 -19.34 9.05 -11.90
C THR B 22 -18.09 9.69 -11.37
N ILE B 23 -16.99 8.96 -11.37
CA ILE B 23 -15.72 9.50 -10.93
C ILE B 23 -15.34 10.70 -11.80
N GLU B 24 -15.66 10.63 -13.09
CA GLU B 24 -15.37 11.73 -14.01
C GLU B 24 -16.17 12.99 -13.69
N ASN B 25 -17.43 12.82 -13.28
CA ASN B 25 -18.24 13.92 -12.81
C ASN B 25 -17.62 14.58 -11.57
N VAL B 26 -17.06 13.74 -10.70
CA VAL B 26 -16.41 14.22 -9.50
C VAL B 26 -15.08 14.94 -9.79
N LYS B 27 -14.32 14.42 -10.74
CA LYS B 27 -13.09 15.10 -11.17
C LYS B 27 -13.39 16.49 -11.71
N ALA B 28 -14.46 16.57 -12.52
CA ALA B 28 -14.91 17.82 -13.11
C ALA B 28 -15.30 18.86 -12.07
N LYS B 29 -15.87 18.38 -10.95
CA LYS B 29 -16.28 19.27 -9.87
C LYS B 29 -15.07 19.80 -9.13
N ILE B 30 -14.04 18.97 -9.02
CA ILE B 30 -12.77 19.40 -8.44
C ILE B 30 -12.13 20.44 -9.35
N GLN B 31 -12.25 20.26 -10.66
CA GLN B 31 -11.71 21.25 -11.59
C GLN B 31 -12.43 22.57 -11.38
N ASP B 32 -13.77 22.52 -11.42
CA ASP B 32 -14.57 23.73 -11.21
C ASP B 32 -14.14 24.49 -9.95
N LYS B 33 -13.82 23.76 -8.90
CA LYS B 33 -13.60 24.38 -7.61
C LYS B 33 -12.14 24.74 -7.31
N GLU B 34 -11.20 23.94 -7.81
CA GLU B 34 -9.78 24.14 -7.50
C GLU B 34 -8.89 24.38 -8.71
N GLY B 35 -9.44 24.24 -9.90
CA GLY B 35 -8.68 24.47 -11.12
C GLY B 35 -7.81 23.31 -11.57
N ILE B 36 -7.86 22.20 -10.83
CA ILE B 36 -7.07 21.01 -11.14
C ILE B 36 -7.72 20.21 -12.29
N PRO B 37 -7.03 20.12 -13.44
CA PRO B 37 -7.56 19.43 -14.62
C PRO B 37 -7.84 17.95 -14.38
N PRO B 38 -8.96 17.43 -14.89
CA PRO B 38 -9.41 16.09 -14.56
C PRO B 38 -8.45 14.99 -14.99
N ASP B 39 -7.60 15.27 -15.98
CA ASP B 39 -6.76 14.21 -16.54
C ASP B 39 -5.49 13.98 -15.76
N GLN B 40 -5.26 14.83 -14.76
CA GLN B 40 -4.08 14.70 -13.91
C GLN B 40 -4.46 14.07 -12.58
N GLN B 41 -5.76 13.97 -12.34
CA GLN B 41 -6.26 13.55 -11.03
C GLN B 41 -6.30 12.04 -10.88
N ARG B 42 -5.84 11.59 -9.72
CA ARG B 42 -6.05 10.21 -9.30
C ARG B 42 -6.81 10.30 -7.98
N LEU B 43 -8.07 9.86 -7.98
CA LEU B 43 -8.88 9.90 -6.78
C LEU B 43 -8.82 8.57 -6.05
N ILE B 44 -8.56 8.64 -4.76
CA ILE B 44 -8.32 7.44 -3.96
C ILE B 44 -9.25 7.42 -2.78
N PHE B 45 -9.80 6.23 -2.51
CA PHE B 45 -10.62 6.02 -1.33
C PHE B 45 -10.38 4.61 -0.85
N ALA B 46 -10.24 4.43 0.45
CA ALA B 46 -10.07 3.11 1.03
C ALA B 46 -8.88 2.39 0.41
N GLY B 47 -7.85 3.16 0.06
CA GLY B 47 -6.62 2.62 -0.49
C GLY B 47 -6.79 2.13 -1.91
N LYS B 48 -7.86 2.57 -2.57
CA LYS B 48 -8.14 2.17 -3.94
C LYS B 48 -8.26 3.38 -4.87
N GLN B 49 -7.59 3.31 -6.01
CA GLN B 49 -7.80 4.31 -7.05
C GLN B 49 -9.16 4.05 -7.70
N LEU B 50 -9.98 5.10 -7.80
CA LEU B 50 -11.34 4.97 -8.32
C LEU B 50 -11.36 5.05 -9.86
N GLU B 51 -12.26 4.33 -10.50
CA GLU B 51 -12.24 4.28 -11.97
C GLU B 51 -13.32 5.13 -12.67
N ASP B 52 -12.89 5.84 -13.71
CA ASP B 52 -13.67 6.90 -14.34
C ASP B 52 -15.14 6.58 -14.67
N GLY B 53 -15.39 5.36 -15.12
CA GLY B 53 -16.75 5.00 -15.53
C GLY B 53 -17.65 4.65 -14.37
N ARG B 54 -17.05 4.26 -13.25
CA ARG B 54 -17.82 3.79 -12.11
C ARG B 54 -18.41 4.95 -11.31
N THR B 55 -19.20 4.64 -10.28
CA THR B 55 -19.88 5.68 -9.51
C THR B 55 -19.47 5.63 -8.06
N LEU B 56 -19.72 6.72 -7.34
CA LEU B 56 -19.42 6.77 -5.90
C LEU B 56 -20.12 5.64 -5.15
N SER B 57 -21.36 5.33 -5.53
CA SER B 57 -22.11 4.28 -4.84
C SER B 57 -21.47 2.91 -5.01
N ASP B 58 -20.89 2.65 -6.18
CA ASP B 58 -20.19 1.39 -6.40
C ASP B 58 -19.11 1.15 -5.37
N TYR B 59 -18.42 2.22 -4.96
CA TYR B 59 -17.36 2.14 -3.96
C TYR B 59 -17.85 2.35 -2.54
N ASN B 60 -19.17 2.31 -2.35
CA ASN B 60 -19.76 2.50 -1.03
C ASN B 60 -19.25 3.76 -0.35
N ILE B 61 -19.11 4.82 -1.15
CA ILE B 61 -18.68 6.11 -0.65
C ILE B 61 -19.91 6.89 -0.20
N GLN B 62 -20.11 6.97 1.12
CA GLN B 62 -21.27 7.62 1.71
C GLN B 62 -20.98 9.07 2.08
N LYS B 63 -22.02 9.82 2.39
CA LYS B 63 -21.88 11.22 2.77
C LYS B 63 -20.77 11.37 3.80
N GLU B 64 -20.00 12.45 3.67
CA GLU B 64 -18.94 12.79 4.62
C GLU B 64 -17.67 11.91 4.51
N SER B 65 -17.64 11.04 3.51
CA SER B 65 -16.41 10.33 3.15
C SER B 65 -15.36 11.33 2.63
N THR B 66 -14.10 11.01 2.88
CA THR B 66 -12.98 11.81 2.41
C THR B 66 -12.18 11.08 1.35
N LEU B 67 -12.11 11.65 0.15
CA LEU B 67 -11.26 11.10 -0.89
C LEU B 67 -9.91 11.77 -0.79
N HIS B 68 -8.88 11.08 -1.27
CA HIS B 68 -7.56 11.68 -1.39
C HIS B 68 -7.23 11.89 -2.85
N LEU B 69 -6.72 13.08 -3.17
CA LEU B 69 -6.32 13.39 -4.53
C LEU B 69 -4.81 13.35 -4.65
N VAL B 70 -4.30 12.52 -5.56
CA VAL B 70 -2.89 12.55 -5.92
C VAL B 70 -2.82 12.88 -7.41
N LEU B 71 -1.76 13.57 -7.83
CA LEU B 71 -1.68 13.97 -9.22
C LEU B 71 -0.67 13.15 -10.01
N ARG B 72 -1.00 12.90 -11.26
CA ARG B 72 -0.06 12.32 -12.21
C ARG B 72 0.88 13.46 -12.58
N LEU B 73 2.18 13.20 -12.46
CA LEU B 73 3.19 14.23 -12.70
C LEU B 73 4.15 13.74 -13.76
N ARG B 74 4.36 14.53 -14.80
CA ARG B 74 5.29 14.15 -15.86
C ARG B 74 6.12 15.34 -16.33
N GLY B 75 7.23 15.06 -17.02
CA GLY B 75 8.11 16.09 -17.53
C GLY B 75 9.37 15.51 -18.15
N ASP C 4 -6.07 -19.95 -16.36
CA ASP C 4 -5.21 -20.68 -15.44
C ASP C 4 -5.63 -20.45 -14.00
N PHE C 5 -5.80 -21.53 -13.24
CA PHE C 5 -6.34 -21.43 -11.89
C PHE C 5 -5.60 -20.42 -11.01
N LEU C 6 -4.29 -20.55 -10.92
CA LEU C 6 -3.51 -19.63 -10.08
C LEU C 6 -3.53 -18.20 -10.60
N ARG C 7 -3.92 -18.03 -11.86
CA ARG C 7 -4.06 -16.70 -12.44
C ARG C 7 -5.46 -16.14 -12.19
N SER C 8 -6.36 -17.01 -11.74
CA SER C 8 -7.75 -16.61 -11.52
C SER C 8 -8.03 -16.17 -10.09
N LEU C 9 -7.00 -16.11 -9.24
CA LEU C 9 -7.20 -15.70 -7.85
C LEU C 9 -7.85 -14.32 -7.78
N ASP C 10 -8.89 -14.21 -6.97
CA ASP C 10 -9.65 -12.97 -6.84
C ASP C 10 -9.30 -12.22 -5.55
N TRP C 11 -8.39 -11.26 -5.66
CA TRP C 11 -7.92 -10.51 -4.49
C TRP C 11 -8.78 -9.28 -4.20
N THR C 12 -9.18 -9.13 -2.95
CA THR C 12 -9.97 -8.00 -2.51
C THR C 12 -9.12 -7.13 -1.59
N GLN C 13 -8.91 -5.88 -1.99
CA GLN C 13 -8.17 -4.92 -1.20
C GLN C 13 -8.99 -4.56 0.04
N VAL C 14 -8.42 -4.75 1.22
CA VAL C 14 -9.14 -4.47 2.46
C VAL C 14 -8.62 -3.20 3.13
N ILE C 15 -7.30 -3.09 3.21
CA ILE C 15 -6.65 -1.87 3.67
C ILE C 15 -5.42 -1.69 2.79
N ALA C 16 -4.88 -0.48 2.73
CA ALA C 16 -3.72 -0.17 1.90
C ALA C 16 -2.66 -1.29 1.88
N GLY C 17 -2.49 -1.92 0.72
CA GLY C 17 -1.46 -2.93 0.54
C GLY C 17 -1.70 -4.26 1.25
N GLN C 18 -2.94 -4.50 1.71
CA GLN C 18 -3.30 -5.79 2.28
C GLN C 18 -4.56 -6.34 1.60
N TYR C 19 -4.47 -7.58 1.12
CA TYR C 19 -5.53 -8.20 0.34
C TYR C 19 -6.00 -9.51 0.97
N VAL C 20 -7.26 -9.84 0.74
CA VAL C 20 -7.78 -11.14 1.15
C VAL C 20 -8.43 -11.84 -0.03
N SER C 21 -8.22 -13.16 -0.12
CA SER C 21 -8.89 -13.98 -1.12
C SER C 21 -9.38 -15.25 -0.44
N ASN C 22 -10.34 -15.92 -1.05
CA ASN C 22 -10.83 -17.17 -0.50
C ASN C 22 -11.00 -18.23 -1.57
N PRO C 23 -9.90 -18.61 -2.24
CA PRO C 23 -10.06 -19.65 -3.26
C PRO C 23 -10.39 -20.98 -2.59
N ARG C 24 -10.75 -21.98 -3.38
CA ARG C 24 -10.94 -23.33 -2.87
C ARG C 24 -10.05 -24.27 -3.66
N PHE C 25 -9.13 -24.94 -2.97
CA PHE C 25 -8.18 -25.87 -3.59
C PHE C 25 -7.37 -26.63 -2.54
N ASN C 26 -6.71 -27.70 -2.96
CA ASN C 26 -5.77 -28.43 -2.11
C ASN C 26 -4.39 -27.78 -2.17
N ILE C 27 -3.84 -27.38 -1.03
CA ILE C 27 -2.50 -26.78 -1.02
C ILE C 27 -1.48 -27.65 -1.77
N SER C 28 -1.54 -28.96 -1.57
CA SER C 28 -0.57 -29.87 -2.19
C SER C 28 -0.89 -30.18 -3.65
N ASP C 29 -2.03 -29.72 -4.14
CA ASP C 29 -2.32 -29.78 -5.57
C ASP C 29 -1.49 -28.76 -6.36
N TYR C 30 -1.05 -27.71 -5.68
CA TYR C 30 -0.37 -26.60 -6.36
C TYR C 30 0.99 -26.21 -5.78
N PHE C 31 1.27 -26.68 -4.57
CA PHE C 31 2.50 -26.28 -3.88
C PHE C 31 3.23 -27.49 -3.33
N GLU C 32 4.53 -27.32 -3.12
CA GLU C 32 5.31 -28.22 -2.30
C GLU C 32 5.38 -27.61 -0.92
N ILE C 33 5.16 -28.41 0.12
CA ILE C 33 5.29 -27.92 1.47
C ILE C 33 6.69 -28.23 1.98
N VAL C 34 7.37 -27.19 2.45
CA VAL C 34 8.69 -27.36 3.05
C VAL C 34 8.51 -27.11 4.55
N ARG C 35 8.52 -28.19 5.31
CA ARG C 35 8.23 -28.10 6.72
C ARG C 35 9.38 -27.43 7.47
N GLN C 36 9.04 -26.73 8.54
CA GLN C 36 10.01 -25.98 9.31
C GLN C 36 10.00 -26.44 10.76
N PRO C 37 11.11 -26.22 11.48
CA PRO C 37 11.21 -26.69 12.87
C PRO C 37 10.00 -26.32 13.71
N GLY C 38 9.70 -27.17 14.68
CA GLY C 38 8.58 -26.97 15.57
C GLY C 38 8.96 -26.19 16.80
N ASP C 39 9.85 -25.22 16.62
CA ASP C 39 10.20 -24.29 17.69
C ASP C 39 9.33 -23.06 17.50
N GLY C 40 9.53 -22.04 18.33
CA GLY C 40 8.76 -20.81 18.20
C GLY C 40 9.28 -19.89 17.12
N ASN C 41 10.19 -20.39 16.28
CA ASN C 41 10.81 -19.57 15.25
C ASN C 41 10.28 -19.83 13.83
N CYS C 42 9.29 -20.70 13.70
CA CYS C 42 8.82 -21.19 12.39
C CYS C 42 8.42 -20.14 11.36
N PHE C 43 7.85 -19.02 11.80
CA PHE C 43 7.51 -17.97 10.86
C PHE C 43 8.78 -17.48 10.16
N TYR C 44 9.81 -17.25 10.95
CA TYR C 44 11.06 -16.69 10.43
C TYR C 44 11.83 -17.73 9.65
N HIS C 45 11.78 -18.99 10.09
CA HIS C 45 12.32 -20.10 9.29
C HIS C 45 11.71 -20.14 7.90
N SER C 46 10.38 -20.01 7.84
CA SER C 46 9.67 -20.10 6.58
C SER C 46 10.12 -19.00 5.64
N ILE C 47 10.22 -17.77 6.14
CA ILE C 47 10.67 -16.70 5.28
C ILE C 47 12.10 -16.93 4.78
N ALA C 48 12.99 -17.34 5.68
CA ALA C 48 14.40 -17.61 5.32
C ALA C 48 14.49 -18.68 4.21
N GLU C 49 13.72 -19.75 4.37
CA GLU C 49 13.63 -20.82 3.38
C GLU C 49 13.41 -20.31 1.96
N LEU C 50 12.58 -19.28 1.81
CA LEU C 50 12.17 -18.80 0.49
C LEU C 50 12.94 -17.57 0.02
N THR C 51 13.78 -17.01 0.87
CA THR C 51 14.48 -15.80 0.50
C THR C 51 16.00 -15.86 0.68
N MET C 52 16.47 -16.88 1.38
CA MET C 52 17.89 -16.95 1.73
C MET C 52 18.57 -18.17 1.11
N PRO C 53 19.57 -17.94 0.26
CA PRO C 53 20.33 -19.05 -0.34
C PRO C 53 21.05 -19.83 0.74
N ASN C 54 21.24 -21.12 0.51
CA ASN C 54 22.00 -21.96 1.44
C ASN C 54 21.44 -21.90 2.86
N LYS C 55 20.12 -21.76 2.97
CA LYS C 55 19.47 -21.58 4.26
C LYS C 55 19.74 -22.73 5.24
N THR C 56 19.87 -22.40 6.53
CA THR C 56 20.05 -23.38 7.60
C THR C 56 19.06 -23.11 8.74
N ASP C 57 19.08 -23.97 9.76
CA ASP C 57 18.22 -23.80 10.92
C ASP C 57 18.61 -22.55 11.72
N HIS C 58 19.65 -21.87 11.29
CA HIS C 58 20.10 -20.67 12.00
C HIS C 58 19.91 -19.40 11.18
N SER C 59 19.55 -19.57 9.91
CA SER C 59 19.37 -18.44 9.01
C SER C 59 18.27 -17.49 9.48
N TYR C 60 17.28 -18.04 10.16
CA TYR C 60 16.14 -17.23 10.61
C TYR C 60 16.58 -15.99 11.38
N HIS C 61 17.72 -16.05 12.05
CA HIS C 61 18.22 -14.90 12.79
C HIS C 61 18.32 -13.63 11.95
N TYR C 62 18.70 -13.77 10.69
CA TYR C 62 18.77 -12.63 9.80
C TYR C 62 17.38 -12.04 9.49
N ILE C 63 16.37 -12.91 9.38
CA ILE C 63 15.04 -12.42 9.06
C ILE C 63 14.52 -11.63 10.26
N LYS C 64 14.90 -12.05 11.46
CA LYS C 64 14.52 -11.31 12.66
C LYS C 64 15.23 -9.97 12.76
N ARG C 65 16.49 -9.92 12.31
CA ARG C 65 17.20 -8.67 12.20
C ARG C 65 16.52 -7.73 11.22
N LEU C 66 16.07 -8.27 10.09
CA LEU C 66 15.33 -7.48 9.11
C LEU C 66 14.03 -6.95 9.69
N THR C 67 13.39 -7.76 10.53
CA THR C 67 12.13 -7.40 11.18
C THR C 67 12.35 -6.26 12.19
N GLU C 68 13.49 -6.25 12.86
CA GLU C 68 13.83 -5.17 13.79
C GLU C 68 13.99 -3.86 13.03
N SER C 69 14.76 -3.90 11.95
CA SER C 69 14.97 -2.73 11.11
C SER C 69 13.63 -2.24 10.55
N ALA C 70 12.89 -3.17 9.95
CA ALA C 70 11.54 -2.88 9.48
C ALA C 70 10.73 -2.12 10.56
N ALA C 71 10.65 -2.68 11.76
CA ALA C 71 9.82 -2.11 12.82
C ALA C 71 10.20 -0.69 13.22
N ARG C 72 11.50 -0.41 13.31
CA ARG C 72 11.94 0.95 13.61
C ARG C 72 11.33 1.94 12.63
N LYS C 73 11.07 1.50 11.41
CA LYS C 73 10.49 2.37 10.40
C LYS C 73 8.96 2.33 10.32
N TYR C 74 8.36 1.14 10.45
CA TYR C 74 6.93 0.97 10.13
C TYR C 74 5.99 0.71 11.30
N TYR C 75 6.52 0.18 12.40
CA TYR C 75 5.69 -0.26 13.51
C TYR C 75 4.67 0.79 13.94
N GLN C 76 5.11 2.04 14.03
CA GLN C 76 4.29 3.13 14.55
C GLN C 76 3.03 3.33 13.72
N GLU C 77 3.07 2.92 12.46
CA GLU C 77 1.97 3.18 11.54
C GLU C 77 1.40 1.90 10.93
N GLU C 78 1.67 0.76 11.54
CA GLU C 78 1.04 -0.48 11.11
C GLU C 78 -0.25 -0.66 11.89
N PRO C 79 -1.38 -0.77 11.18
CA PRO C 79 -2.67 -0.93 11.87
C PRO C 79 -2.66 -2.10 12.86
N GLU C 80 -2.15 -3.26 12.42
CA GLU C 80 -2.16 -4.42 13.31
C GLU C 80 -1.32 -4.18 14.57
N ALA C 81 -0.43 -3.19 14.52
CA ALA C 81 0.41 -2.89 15.69
C ALA C 81 -0.45 -2.38 16.85
N ARG C 82 -1.66 -1.92 16.56
CA ARG C 82 -2.57 -1.48 17.63
C ARG C 82 -3.04 -2.65 18.51
N LEU C 83 -3.04 -3.85 17.96
CA LEU C 83 -3.45 -5.03 18.72
C LEU C 83 -2.37 -5.48 19.69
N VAL C 84 -1.14 -5.15 19.37
CA VAL C 84 -0.02 -5.48 20.24
C VAL C 84 -0.04 -4.57 21.47
N GLY C 85 -0.37 -3.29 21.25
CA GLY C 85 -0.44 -2.32 22.32
C GLY C 85 0.89 -1.74 22.76
N LEU C 86 1.95 -2.51 22.54
CA LEU C 86 3.28 -2.15 23.06
C LEU C 86 3.90 -0.91 22.42
N SER C 87 4.75 -0.24 23.18
CA SER C 87 5.64 0.77 22.61
C SER C 87 6.59 0.04 21.68
N LEU C 88 7.18 0.77 20.74
CA LEU C 88 8.16 0.17 19.84
C LEU C 88 9.27 -0.55 20.60
N GLU C 89 9.80 0.10 21.64
CA GLU C 89 10.92 -0.46 22.39
C GLU C 89 10.53 -1.72 23.17
N ASP C 90 9.28 -1.77 23.62
CA ASP C 90 8.77 -2.97 24.28
C ASP C 90 8.44 -4.07 23.28
N TYR C 91 7.83 -3.71 22.14
CA TYR C 91 7.55 -4.69 21.10
C TYR C 91 8.82 -5.44 20.70
N LEU C 92 9.91 -4.71 20.53
CA LEU C 92 11.14 -5.29 20.00
C LEU C 92 11.78 -6.28 20.95
N LYS C 93 11.73 -5.99 22.24
CA LYS C 93 12.34 -6.89 23.21
C LYS C 93 11.64 -8.23 23.14
N ARG C 94 10.31 -8.19 23.08
CA ARG C 94 9.54 -9.41 22.97
C ARG C 94 9.86 -10.09 21.63
N MET C 95 9.85 -9.32 20.55
CA MET C 95 10.04 -9.88 19.21
C MET C 95 11.39 -10.60 19.09
N LEU C 96 12.43 -9.94 19.57
CA LEU C 96 13.79 -10.44 19.42
C LEU C 96 14.12 -11.52 20.45
N SER C 97 13.12 -11.91 21.24
CA SER C 97 13.29 -12.92 22.26
C SER C 97 13.30 -14.33 21.66
N ASP C 98 13.99 -15.25 22.32
CA ASP C 98 14.05 -16.62 21.85
C ASP C 98 12.67 -17.26 21.76
N ASN C 99 12.43 -17.99 20.67
CA ASN C 99 11.20 -18.75 20.50
C ASN C 99 9.92 -17.91 20.52
N GLU C 100 10.04 -16.64 20.14
CA GLU C 100 8.86 -15.78 20.04
C GLU C 100 8.18 -15.93 18.68
N TRP C 101 6.88 -16.19 18.71
CA TRP C 101 6.09 -16.39 17.50
C TRP C 101 6.06 -15.15 16.60
N GLY C 102 6.26 -15.37 15.31
CA GLY C 102 6.06 -14.32 14.32
C GLY C 102 4.60 -14.25 13.96
N SER C 103 4.22 -13.37 13.03
CA SER C 103 2.81 -13.18 12.73
C SER C 103 2.58 -12.29 11.52
N THR C 104 1.31 -12.07 11.21
CA THR C 104 0.87 -11.15 10.17
C THR C 104 1.44 -9.74 10.37
N LEU C 105 1.63 -9.32 11.61
CA LEU C 105 2.27 -8.02 11.88
C LEU C 105 3.66 -7.98 11.26
N GLU C 106 4.47 -9.01 11.56
CA GLU C 106 5.82 -9.08 11.05
C GLU C 106 5.82 -9.21 9.54
N ALA C 107 4.84 -9.94 9.01
CA ALA C 107 4.75 -10.17 7.57
C ALA C 107 4.55 -8.86 6.83
N SER C 108 3.69 -8.01 7.37
CA SER C 108 3.40 -6.73 6.75
C SER C 108 4.67 -5.86 6.70
N MET C 109 5.35 -5.75 7.84
CA MET C 109 6.57 -4.91 7.91
C MET C 109 7.71 -5.45 7.06
N LEU C 110 7.83 -6.78 7.00
CA LEU C 110 8.87 -7.42 6.22
C LEU C 110 8.65 -7.28 4.71
N ALA C 111 7.39 -7.29 4.28
CA ALA C 111 7.08 -7.07 2.87
C ALA C 111 7.62 -5.72 2.39
N LYS C 112 7.47 -4.69 3.22
CA LYS C 112 8.01 -3.36 2.92
C LYS C 112 9.53 -3.31 3.03
N GLU C 113 10.06 -3.89 4.10
CA GLU C 113 11.50 -3.87 4.32
C GLU C 113 12.23 -4.62 3.24
N MET C 114 11.73 -5.80 2.89
CA MET C 114 12.37 -6.69 1.93
C MET C 114 12.01 -6.40 0.48
N GLY C 115 11.04 -5.51 0.26
CA GLY C 115 10.55 -5.26 -1.07
C GLY C 115 10.08 -6.55 -1.74
N ILE C 116 9.24 -7.30 -1.03
CA ILE C 116 8.68 -8.54 -1.54
C ILE C 116 7.19 -8.60 -1.23
N THR C 117 6.50 -9.51 -1.90
CA THR C 117 5.11 -9.78 -1.57
C THR C 117 5.03 -11.08 -0.77
N ILE C 118 4.31 -11.04 0.34
CA ILE C 118 4.14 -12.21 1.20
C ILE C 118 2.67 -12.61 1.23
N ILE C 119 2.40 -13.86 0.92
CA ILE C 119 1.05 -14.40 1.08
C ILE C 119 1.06 -15.43 2.18
N ILE C 120 0.14 -15.28 3.12
CA ILE C 120 -0.08 -16.29 4.14
C ILE C 120 -1.35 -17.09 3.80
N TRP C 121 -1.18 -18.37 3.51
CA TRP C 121 -2.29 -19.28 3.25
C TRP C 121 -2.69 -20.00 4.52
N THR C 122 -3.87 -19.70 5.04
CA THR C 122 -4.35 -20.31 6.27
C THR C 122 -5.26 -21.51 5.97
N VAL C 123 -5.06 -22.62 6.66
CA VAL C 123 -5.80 -23.84 6.36
C VAL C 123 -6.55 -24.41 7.57
N SER C 126 -6.71 -27.82 7.43
CA SER C 126 -6.66 -29.26 7.13
C SER C 126 -6.22 -29.56 5.70
N ASP C 127 -5.24 -28.81 5.21
CA ASP C 127 -4.75 -28.94 3.83
C ASP C 127 -5.70 -28.25 2.86
N GLU C 128 -6.91 -27.97 3.34
CA GLU C 128 -7.91 -27.23 2.59
C GLU C 128 -7.89 -25.76 2.99
N VAL C 129 -7.77 -24.89 1.99
CA VAL C 129 -7.59 -23.47 2.22
C VAL C 129 -8.84 -22.77 2.75
N GLU C 130 -8.67 -21.97 3.80
CA GLU C 130 -9.75 -21.15 4.31
C GLU C 130 -9.65 -19.72 3.77
N ALA C 131 -8.42 -19.19 3.74
CA ALA C 131 -8.21 -17.82 3.27
C ALA C 131 -6.75 -17.57 2.89
N GLY C 132 -6.55 -16.62 1.99
CA GLY C 132 -5.23 -16.09 1.72
C GLY C 132 -5.24 -14.63 2.14
N ILE C 133 -4.16 -14.20 2.79
CA ILE C 133 -3.95 -12.80 3.14
C ILE C 133 -2.64 -12.41 2.47
N LYS C 134 -2.66 -11.32 1.71
CA LYS C 134 -1.50 -10.93 0.94
C LYS C 134 -1.01 -9.55 1.34
N PHE C 135 0.28 -9.46 1.66
CA PHE C 135 0.91 -8.20 1.97
C PHE C 135 1.84 -7.83 0.82
N GLY C 136 1.46 -6.82 0.05
CA GLY C 136 2.22 -6.43 -1.12
C GLY C 136 1.34 -6.52 -2.36
N ASP C 137 1.83 -5.97 -3.47
CA ASP C 137 1.03 -5.94 -4.69
C ASP C 137 1.38 -7.04 -5.70
N GLY C 138 2.44 -7.80 -5.43
CA GLY C 138 2.86 -8.85 -6.34
C GLY C 138 1.78 -9.93 -6.47
N ASP C 139 2.00 -10.89 -7.35
CA ASP C 139 1.05 -11.99 -7.47
C ASP C 139 1.64 -13.26 -6.87
N VAL C 140 0.80 -14.30 -6.78
CA VAL C 140 1.17 -15.55 -6.13
C VAL C 140 2.46 -16.12 -6.73
N PHE C 141 2.72 -15.80 -7.99
CA PHE C 141 3.87 -16.34 -8.71
C PHE C 141 5.18 -15.64 -8.35
N THR C 142 5.10 -14.41 -7.85
CA THR C 142 6.30 -13.68 -7.43
C THR C 142 6.45 -13.72 -5.92
N ALA C 143 5.33 -13.92 -5.22
CA ALA C 143 5.27 -13.79 -3.77
C ALA C 143 6.03 -14.88 -3.01
N VAL C 144 6.30 -14.58 -1.74
CA VAL C 144 6.80 -15.56 -0.80
C VAL C 144 5.59 -16.21 -0.11
N ASN C 145 5.33 -17.47 -0.41
CA ASN C 145 4.14 -18.16 0.12
C ASN C 145 4.36 -18.95 1.40
N LEU C 146 3.54 -18.67 2.39
CA LEU C 146 3.59 -19.31 3.71
C LEU C 146 2.31 -20.09 4.03
N LEU C 147 2.47 -21.23 4.71
CA LEU C 147 1.34 -22.04 5.15
C LEU C 147 1.10 -21.91 6.66
N HIS C 148 -0.07 -21.42 7.03
CA HIS C 148 -0.40 -21.25 8.46
C HIS C 148 -1.37 -22.35 8.88
N SER C 149 -0.95 -23.19 9.82
CA SER C 149 -1.75 -24.35 10.18
C SER C 149 -1.96 -24.52 11.68
N GLY C 150 -3.03 -25.21 12.04
CA GLY C 150 -3.40 -25.39 13.43
C GLY C 150 -3.65 -24.08 14.15
N GLN C 151 -3.70 -23.00 13.39
CA GLN C 151 -3.69 -21.65 13.97
C GLN C 151 -2.48 -21.39 14.85
N THR C 152 -1.41 -22.17 14.67
CA THR C 152 -0.24 -22.01 15.54
C THR C 152 1.13 -22.30 14.90
N HIS C 153 1.18 -22.42 13.58
CA HIS C 153 2.42 -22.86 12.95
C HIS C 153 2.55 -22.37 11.52
N PHE C 154 3.76 -21.98 11.14
CA PHE C 154 4.04 -21.59 9.76
C PHE C 154 5.03 -22.56 9.12
N ASP C 155 4.75 -22.93 7.87
CA ASP C 155 5.72 -23.64 7.01
C ASP C 155 5.89 -22.83 5.72
N ALA C 156 6.86 -23.22 4.89
CA ALA C 156 7.08 -22.55 3.61
C ALA C 156 6.38 -23.29 2.48
N LEU C 157 5.96 -22.56 1.45
CA LEU C 157 5.40 -23.19 0.25
C LEU C 157 6.16 -22.77 -1.00
N ARG C 158 6.26 -23.70 -1.94
CA ARG C 158 6.84 -23.45 -3.26
C ARG C 158 5.89 -23.94 -4.34
N ILE C 159 5.54 -23.07 -5.29
CA ILE C 159 4.66 -23.48 -6.38
C ILE C 159 5.30 -24.65 -7.11
N LEU C 160 4.49 -25.63 -7.51
CA LEU C 160 5.01 -26.82 -8.16
C LEU C 160 5.53 -26.55 -9.58
N PRO C 161 6.59 -27.25 -9.99
CA PRO C 161 7.24 -27.08 -11.29
C PRO C 161 6.26 -26.90 -12.45
N GLN C 162 5.17 -27.68 -12.48
CA GLN C 162 4.22 -27.62 -13.59
C GLN C 162 3.37 -26.36 -13.59
N PHE C 163 3.34 -25.65 -12.47
CA PHE C 163 2.58 -24.41 -12.36
C PHE C 163 3.49 -23.21 -12.17
N MET D 1 -29.66 -1.65 15.14
CA MET D 1 -29.64 -1.62 13.68
C MET D 1 -28.78 -2.75 13.11
N GLN D 2 -28.98 -3.06 11.84
CA GLN D 2 -28.33 -4.19 11.21
C GLN D 2 -27.15 -3.76 10.34
N ILE D 3 -25.98 -4.32 10.60
CA ILE D 3 -24.83 -4.16 9.71
C ILE D 3 -24.37 -5.53 9.27
N PHE D 4 -23.47 -5.56 8.29
CA PHE D 4 -22.93 -6.81 7.78
C PHE D 4 -21.44 -6.90 8.06
N VAL D 5 -20.93 -8.12 8.16
CA VAL D 5 -19.51 -8.34 8.33
C VAL D 5 -19.06 -9.46 7.39
N LYS D 6 -18.00 -9.20 6.64
CA LYS D 6 -17.42 -10.27 5.83
C LYS D 6 -16.20 -10.84 6.52
N THR D 7 -16.32 -12.06 7.04
CA THR D 7 -15.23 -12.72 7.76
C THR D 7 -14.02 -12.99 6.87
N LEU D 8 -12.94 -13.46 7.48
CA LEU D 8 -11.73 -13.80 6.72
C LEU D 8 -12.00 -14.94 5.75
N THR D 9 -12.86 -15.87 6.15
CA THR D 9 -13.22 -17.03 5.32
C THR D 9 -14.16 -16.65 4.17
N GLY D 10 -14.62 -15.40 4.16
CA GLY D 10 -15.42 -14.91 3.05
C GLY D 10 -16.92 -14.96 3.31
N LYS D 11 -17.28 -15.36 4.51
CA LYS D 11 -18.68 -15.53 4.90
C LYS D 11 -19.29 -14.20 5.31
N THR D 12 -20.39 -13.84 4.68
CA THR D 12 -21.07 -12.59 5.03
C THR D 12 -22.16 -12.85 6.04
N ILE D 13 -21.99 -12.30 7.25
CA ILE D 13 -22.98 -12.49 8.31
C ILE D 13 -23.71 -11.19 8.64
N THR D 14 -24.88 -11.31 9.24
CA THR D 14 -25.59 -10.14 9.74
C THR D 14 -25.32 -9.99 11.22
N LEU D 15 -25.41 -8.76 11.70
CA LEU D 15 -25.14 -8.44 13.08
C LEU D 15 -26.10 -7.33 13.50
N GLU D 16 -26.64 -7.44 14.71
CA GLU D 16 -27.48 -6.39 15.27
C GLU D 16 -26.69 -5.56 16.28
N VAL D 17 -26.63 -4.26 16.04
CA VAL D 17 -25.75 -3.40 16.80
C VAL D 17 -26.42 -2.06 17.10
N GLU D 18 -25.77 -1.24 17.93
CA GLU D 18 -26.19 0.14 18.13
C GLU D 18 -25.07 1.06 17.66
N PRO D 19 -25.43 2.29 17.28
CA PRO D 19 -24.43 3.27 16.87
C PRO D 19 -23.44 3.56 18.00
N SER D 20 -23.88 3.37 19.23
CA SER D 20 -23.08 3.69 20.40
C SER D 20 -22.26 2.50 20.86
N ASP D 21 -22.42 1.38 20.17
CA ASP D 21 -21.65 0.17 20.49
C ASP D 21 -20.20 0.42 20.17
N THR D 22 -19.32 0.07 21.10
CA THR D 22 -17.90 0.22 20.88
C THR D 22 -17.40 -0.92 20.00
N ILE D 23 -16.23 -0.75 19.41
CA ILE D 23 -15.61 -1.78 18.59
C ILE D 23 -15.41 -3.04 19.41
N GLU D 24 -15.12 -2.86 20.70
CA GLU D 24 -14.96 -3.99 21.60
C GLU D 24 -16.29 -4.75 21.78
N ASN D 25 -17.40 -4.02 21.86
CA ASN D 25 -18.72 -4.64 21.92
C ASN D 25 -19.00 -5.46 20.67
N VAL D 26 -18.60 -4.89 19.52
CA VAL D 26 -18.90 -5.50 18.24
C VAL D 26 -18.11 -6.79 18.04
N LYS D 27 -16.84 -6.77 18.39
CA LYS D 27 -16.00 -7.98 18.28
C LYS D 27 -16.61 -9.08 19.13
N ALA D 28 -17.05 -8.70 20.33
CA ALA D 28 -17.75 -9.61 21.24
C ALA D 28 -18.96 -10.25 20.54
N LYS D 29 -19.76 -9.44 19.87
CA LYS D 29 -20.95 -9.95 19.21
C LYS D 29 -20.58 -10.96 18.12
N ILE D 30 -19.43 -10.73 17.49
CA ILE D 30 -18.94 -11.62 16.46
C ILE D 30 -18.48 -12.96 17.04
N GLN D 31 -17.88 -12.93 18.24
CA GLN D 31 -17.48 -14.17 18.89
C GLN D 31 -18.72 -14.99 19.18
N ASP D 32 -19.74 -14.32 19.70
CA ASP D 32 -21.02 -14.97 20.02
C ASP D 32 -21.60 -15.71 18.82
N LYS D 33 -21.43 -15.10 17.64
CA LYS D 33 -22.10 -15.58 16.44
C LYS D 33 -21.23 -16.54 15.62
N GLU D 34 -19.97 -16.18 15.39
CA GLU D 34 -19.08 -16.99 14.57
C GLU D 34 -18.02 -17.75 15.37
N GLY D 35 -17.95 -17.49 16.67
CA GLY D 35 -17.01 -18.19 17.53
C GLY D 35 -15.59 -17.66 17.47
N ILE D 36 -15.38 -16.58 16.70
CA ILE D 36 -14.05 -16.01 16.54
C ILE D 36 -13.65 -15.17 17.74
N PRO D 37 -12.53 -15.52 18.39
CA PRO D 37 -11.97 -14.81 19.54
C PRO D 37 -11.73 -13.34 19.24
N PRO D 38 -12.21 -12.45 20.11
CA PRO D 38 -12.15 -11.01 19.81
C PRO D 38 -10.70 -10.52 19.68
N ASP D 39 -9.81 -11.01 20.55
CA ASP D 39 -8.44 -10.51 20.59
C ASP D 39 -7.69 -10.80 19.30
N GLN D 40 -8.35 -11.51 18.39
CA GLN D 40 -7.74 -11.91 17.13
C GLN D 40 -8.30 -11.08 15.97
N GLN D 41 -9.35 -10.32 16.22
CA GLN D 41 -10.09 -9.63 15.18
C GLN D 41 -9.49 -8.28 14.80
N ARG D 42 -9.46 -8.01 13.50
CA ARG D 42 -9.18 -6.67 13.00
C ARG D 42 -10.40 -6.26 12.16
N LEU D 43 -11.17 -5.29 12.65
CA LEU D 43 -12.36 -4.85 11.93
C LEU D 43 -12.02 -3.62 11.11
N ILE D 44 -12.43 -3.65 9.84
CA ILE D 44 -12.05 -2.64 8.87
C ILE D 44 -13.28 -2.01 8.23
N PHE D 45 -13.24 -0.70 8.07
CA PHE D 45 -14.30 0.03 7.38
C PHE D 45 -13.67 1.19 6.64
N ALA D 46 -14.04 1.34 5.37
CA ALA D 46 -13.57 2.46 4.57
C ALA D 46 -12.05 2.48 4.52
N GLY D 47 -11.44 1.30 4.51
CA GLY D 47 -10.00 1.19 4.43
C GLY D 47 -9.28 1.57 5.70
N LYS D 48 -10.04 1.70 6.78
CA LYS D 48 -9.46 2.01 8.09
C LYS D 48 -9.75 0.89 9.08
N GLN D 49 -8.73 0.51 9.85
CA GLN D 49 -8.92 -0.42 10.95
C GLN D 49 -9.53 0.31 12.16
N LEU D 50 -10.64 -0.23 12.66
CA LEU D 50 -11.37 0.38 13.78
C LEU D 50 -10.67 0.17 15.12
N GLU D 51 -10.57 1.24 15.91
CA GLU D 51 -9.95 1.19 17.24
C GLU D 51 -10.94 0.80 18.33
N ASP D 52 -10.49 -0.02 19.27
CA ASP D 52 -11.38 -0.63 20.27
C ASP D 52 -12.29 0.32 21.05
N GLY D 53 -11.70 1.33 21.67
CA GLY D 53 -12.43 2.21 22.56
C GLY D 53 -13.36 3.22 21.90
N ARG D 54 -13.49 3.13 20.58
CA ARG D 54 -14.38 4.03 19.83
C ARG D 54 -15.68 3.33 19.45
N THR D 55 -16.66 4.10 18.98
CA THR D 55 -17.97 3.56 18.66
C THR D 55 -18.18 3.49 17.15
N LEU D 56 -19.27 2.85 16.73
CA LEU D 56 -19.62 2.78 15.32
C LEU D 56 -19.94 4.17 14.76
N SER D 57 -20.69 4.95 15.53
CA SER D 57 -21.02 6.32 15.14
C SER D 57 -19.76 7.16 14.89
N ASP D 58 -18.72 6.92 15.68
CA ASP D 58 -17.47 7.64 15.54
C ASP D 58 -16.90 7.54 14.12
N TYR D 59 -17.06 6.37 13.50
CA TYR D 59 -16.64 6.17 12.12
C TYR D 59 -17.78 6.41 11.15
N ASN D 60 -18.85 7.02 11.66
CA ASN D 60 -20.07 7.26 10.89
C ASN D 60 -20.54 5.99 10.18
N ILE D 61 -20.46 4.89 10.90
CA ILE D 61 -20.92 3.61 10.40
C ILE D 61 -22.42 3.51 10.65
N GLN D 62 -23.19 3.55 9.56
CA GLN D 62 -24.65 3.59 9.63
C GLN D 62 -25.27 2.25 9.25
N LYS D 63 -26.59 2.24 9.12
CA LYS D 63 -27.34 1.04 8.78
C LYS D 63 -26.91 0.40 7.46
N GLU D 64 -26.79 -0.93 7.49
CA GLU D 64 -26.49 -1.72 6.30
C GLU D 64 -25.09 -1.50 5.75
N SER D 65 -24.22 -0.96 6.60
CA SER D 65 -22.80 -0.85 6.27
C SER D 65 -22.17 -2.24 6.33
N THR D 66 -21.10 -2.42 5.57
CA THR D 66 -20.36 -3.68 5.62
C THR D 66 -18.96 -3.48 6.20
N LEU D 67 -18.69 -4.18 7.30
CA LEU D 67 -17.35 -4.22 7.85
C LEU D 67 -16.63 -5.42 7.24
N HIS D 68 -15.30 -5.34 7.20
CA HIS D 68 -14.49 -6.48 6.78
C HIS D 68 -13.67 -6.98 7.96
N LEU D 69 -13.64 -8.30 8.15
CA LEU D 69 -12.90 -8.91 9.23
C LEU D 69 -11.64 -9.60 8.70
N VAL D 70 -10.49 -9.11 9.15
CA VAL D 70 -9.20 -9.72 8.88
C VAL D 70 -8.65 -10.23 10.21
N LEU D 71 -8.05 -11.42 10.21
CA LEU D 71 -7.54 -12.01 11.45
C LEU D 71 -6.04 -11.83 11.64
N ARG D 72 -5.65 -11.62 12.89
CA ARG D 72 -4.24 -11.63 13.28
C ARG D 72 -3.80 -13.09 13.42
N LEU D 73 -2.84 -13.50 12.61
CA LEU D 73 -2.42 -14.90 12.61
C LEU D 73 -0.99 -15.01 13.13
N ARG D 74 -0.81 -15.81 14.17
CA ARG D 74 0.49 -15.96 14.79
C ARG D 74 0.83 -17.44 14.80
N GLY D 75 2.12 -17.77 14.92
CA GLY D 75 2.49 -19.18 15.00
C GLY D 75 3.97 -19.46 14.94
N LEU E 6 -22.75 -35.67 32.87
CA LEU E 6 -21.47 -35.21 33.37
C LEU E 6 -20.79 -36.26 34.24
N ARG E 7 -21.59 -37.16 34.79
CA ARG E 7 -21.08 -38.27 35.60
C ARG E 7 -20.41 -39.35 34.75
N SER E 8 -20.78 -39.42 33.47
CA SER E 8 -20.34 -40.51 32.61
C SER E 8 -18.91 -40.35 32.12
N LEU E 9 -18.28 -39.23 32.46
CA LEU E 9 -16.97 -38.90 31.91
C LEU E 9 -15.90 -39.96 32.15
N ASP E 10 -15.24 -40.39 31.07
CA ASP E 10 -14.16 -41.37 31.16
C ASP E 10 -12.79 -40.67 31.04
N TRP E 11 -12.17 -40.43 32.19
CA TRP E 11 -10.85 -39.78 32.24
C TRP E 11 -9.71 -40.79 32.23
N THR E 12 -8.77 -40.62 31.28
CA THR E 12 -7.61 -41.49 31.18
C THR E 12 -6.34 -40.80 31.70
N GLN E 13 -5.69 -41.43 32.67
CA GLN E 13 -4.43 -40.93 33.17
C GLN E 13 -3.36 -41.02 32.08
N VAL E 14 -2.87 -39.89 31.58
CA VAL E 14 -1.84 -39.92 30.54
C VAL E 14 -0.42 -39.72 31.08
N ILE E 15 -0.29 -38.82 32.05
CA ILE E 15 0.98 -38.60 32.72
C ILE E 15 0.67 -38.05 34.11
N ALA E 16 1.61 -38.20 35.03
CA ALA E 16 1.39 -37.85 36.43
C ALA E 16 0.54 -36.59 36.62
N GLY E 17 -0.59 -36.74 37.31
CA GLY E 17 -1.51 -35.65 37.60
C GLY E 17 -2.27 -35.02 36.44
N GLN E 18 -2.27 -35.68 35.28
CA GLN E 18 -2.92 -35.13 34.08
C GLN E 18 -3.77 -36.20 33.39
N TYR E 19 -5.02 -35.83 33.07
CA TYR E 19 -5.99 -36.76 32.50
C TYR E 19 -6.58 -36.22 31.21
N VAL E 20 -6.97 -37.12 30.32
CA VAL E 20 -7.65 -36.73 29.09
C VAL E 20 -8.98 -37.48 28.96
N SER E 21 -9.98 -36.80 28.41
CA SER E 21 -11.24 -37.47 28.07
C SER E 21 -11.69 -36.99 26.71
N ASN E 22 -12.57 -37.77 26.09
CA ASN E 22 -13.01 -37.48 24.73
C ASN E 22 -14.52 -37.65 24.58
N PRO E 23 -15.29 -36.97 25.44
CA PRO E 23 -16.74 -37.03 25.28
C PRO E 23 -17.12 -36.21 24.06
N ARG E 24 -18.38 -36.27 23.68
CA ARG E 24 -18.88 -35.51 22.56
C ARG E 24 -20.11 -34.77 23.03
N PHE E 25 -20.06 -33.44 23.01
CA PHE E 25 -21.20 -32.62 23.43
C PHE E 25 -21.12 -31.18 22.97
N ASN E 26 -22.25 -30.49 23.07
CA ASN E 26 -22.37 -29.05 22.84
C ASN E 26 -22.04 -28.36 24.16
N ILE E 27 -21.02 -27.50 24.16
CA ILE E 27 -20.63 -26.82 25.39
C ILE E 27 -21.84 -26.13 26.04
N SER E 28 -22.64 -25.44 25.24
CA SER E 28 -23.76 -24.68 25.77
C SER E 28 -24.88 -25.57 26.32
N ASP E 29 -24.90 -26.85 25.93
CA ASP E 29 -25.88 -27.79 26.48
C ASP E 29 -25.70 -28.00 27.99
N TYR E 30 -24.45 -27.92 28.46
CA TYR E 30 -24.13 -28.29 29.86
C TYR E 30 -23.47 -27.19 30.71
N PHE E 31 -22.82 -26.23 30.05
CA PHE E 31 -22.22 -25.09 30.76
C PHE E 31 -22.79 -23.75 30.34
N GLU E 32 -22.69 -22.79 31.25
CA GLU E 32 -22.77 -21.38 30.93
C GLU E 32 -21.37 -20.88 30.59
N ILE E 33 -21.23 -20.21 29.45
CA ILE E 33 -19.97 -19.55 29.13
C ILE E 33 -19.91 -18.15 29.73
N VAL E 34 -18.88 -17.90 30.54
CA VAL E 34 -18.61 -16.56 31.05
C VAL E 34 -17.47 -15.96 30.23
N ARG E 35 -17.84 -15.16 29.24
CA ARG E 35 -16.88 -14.60 28.29
C ARG E 35 -15.93 -13.65 29.00
N GLN E 36 -14.67 -13.68 28.59
CA GLN E 36 -13.63 -12.90 29.24
C GLN E 36 -13.11 -11.83 28.29
N PRO E 37 -12.37 -10.84 28.82
CA PRO E 37 -11.81 -9.76 28.01
C PRO E 37 -10.83 -10.27 26.97
N GLY E 38 -10.95 -9.77 25.75
CA GLY E 38 -10.10 -10.18 24.65
C GLY E 38 -8.76 -9.47 24.64
N ASP E 39 -8.03 -9.60 25.73
CA ASP E 39 -6.64 -9.16 25.79
C ASP E 39 -5.79 -10.42 25.91
N GLY E 40 -4.50 -10.28 26.15
CA GLY E 40 -3.65 -11.45 26.27
C GLY E 40 -3.73 -12.13 27.62
N ASN E 41 -4.65 -11.67 28.47
CA ASN E 41 -4.71 -12.12 29.85
C ASN E 41 -5.86 -13.08 30.14
N CYS E 42 -6.61 -13.42 29.09
CA CYS E 42 -7.82 -14.25 29.19
C CYS E 42 -7.67 -15.50 30.05
N PHE E 43 -6.52 -16.16 30.00
CA PHE E 43 -6.30 -17.34 30.83
C PHE E 43 -6.44 -17.05 32.32
N TYR E 44 -5.72 -16.04 32.78
CA TYR E 44 -5.73 -15.73 34.21
C TYR E 44 -7.10 -15.14 34.59
N HIS E 45 -7.68 -14.38 33.66
CA HIS E 45 -9.02 -13.84 33.81
C HIS E 45 -10.05 -14.95 34.12
N SER E 46 -10.00 -16.03 33.32
CA SER E 46 -10.93 -17.15 33.46
C SER E 46 -10.76 -17.90 34.79
N ILE E 47 -9.51 -18.11 35.17
CA ILE E 47 -9.20 -18.72 36.46
C ILE E 47 -9.73 -17.83 37.58
N ALA E 48 -9.52 -16.52 37.43
CA ALA E 48 -9.99 -15.55 38.42
C ALA E 48 -11.52 -15.59 38.54
N GLU E 49 -12.20 -15.61 37.40
CA GLU E 49 -13.66 -15.69 37.39
C GLU E 49 -14.18 -16.82 38.27
N LEU E 50 -13.42 -17.90 38.35
CA LEU E 50 -13.91 -19.11 38.98
C LEU E 50 -13.41 -19.34 40.40
N THR E 51 -12.40 -18.58 40.82
CA THR E 51 -11.75 -18.85 42.11
C THR E 51 -11.79 -17.67 43.09
N MET E 52 -12.10 -16.47 42.59
CA MET E 52 -12.00 -15.26 43.38
C MET E 52 -13.34 -14.55 43.64
N PRO E 53 -13.63 -14.25 44.90
CA PRO E 53 -14.83 -13.49 45.29
C PRO E 53 -14.85 -12.13 44.59
N ASN E 54 -16.05 -11.73 44.13
CA ASN E 54 -16.24 -10.46 43.45
C ASN E 54 -15.11 -10.15 42.48
N LYS E 55 -15.05 -10.94 41.42
CA LYS E 55 -13.98 -10.82 40.43
C LYS E 55 -14.20 -9.62 39.54
N THR E 56 -13.11 -8.95 39.16
CA THR E 56 -13.18 -7.85 38.20
C THR E 56 -12.14 -8.06 37.12
N ASP E 57 -12.06 -7.11 36.19
CA ASP E 57 -11.07 -7.18 35.13
C ASP E 57 -9.64 -6.92 35.65
N HIS E 58 -9.48 -6.83 36.96
CA HIS E 58 -8.15 -6.63 37.54
C HIS E 58 -7.74 -7.74 38.51
N SER E 59 -8.64 -8.68 38.77
CA SER E 59 -8.34 -9.81 39.67
C SER E 59 -7.22 -10.72 39.14
N TYR E 60 -7.05 -10.74 37.82
CA TYR E 60 -6.10 -11.66 37.20
C TYR E 60 -4.67 -11.52 37.73
N HIS E 61 -4.30 -10.32 38.15
CA HIS E 61 -2.97 -10.10 38.74
C HIS E 61 -2.70 -11.07 39.88
N TYR E 62 -3.71 -11.32 40.71
CA TYR E 62 -3.53 -12.23 41.83
C TYR E 62 -3.15 -13.62 41.33
N ILE E 63 -3.90 -14.11 40.35
CA ILE E 63 -3.59 -15.41 39.75
C ILE E 63 -2.17 -15.42 39.20
N LYS E 64 -1.77 -14.36 38.51
CA LYS E 64 -0.44 -14.33 37.88
C LYS E 64 0.65 -14.38 38.95
N ARG E 65 0.42 -13.67 40.04
CA ARG E 65 1.26 -13.79 41.22
C ARG E 65 1.32 -15.23 41.74
N LEU E 66 0.16 -15.88 41.81
CA LEU E 66 0.13 -17.26 42.29
C LEU E 66 0.91 -18.18 41.34
N THR E 67 0.88 -17.86 40.06
CA THR E 67 1.61 -18.62 39.05
C THR E 67 3.12 -18.51 39.25
N GLU E 68 3.58 -17.33 39.64
CA GLU E 68 5.01 -17.10 39.87
C GLU E 68 5.54 -17.99 40.97
N SER E 69 4.79 -18.04 42.07
CA SER E 69 5.15 -18.87 43.21
C SER E 69 5.11 -20.36 42.85
N ALA E 70 4.03 -20.77 42.17
CA ALA E 70 3.95 -22.14 41.68
C ALA E 70 5.17 -22.51 40.83
N ALA E 71 5.55 -21.59 39.95
CA ALA E 71 6.66 -21.81 39.05
C ALA E 71 7.96 -22.09 39.80
N ARG E 72 8.43 -21.12 40.57
CA ARG E 72 9.64 -21.30 41.36
C ARG E 72 9.65 -22.65 42.06
N LYS E 73 8.45 -23.15 42.36
CA LYS E 73 8.28 -24.39 43.09
C LYS E 73 8.19 -25.65 42.20
N TYR E 74 7.72 -25.50 40.96
CA TYR E 74 7.41 -26.66 40.12
C TYR E 74 7.98 -26.59 38.71
N TYR E 75 8.24 -25.38 38.23
CA TYR E 75 8.61 -25.18 36.83
C TYR E 75 9.71 -26.15 36.38
N GLN E 76 10.67 -26.38 37.28
CA GLN E 76 11.79 -27.26 36.98
C GLN E 76 11.32 -28.66 36.59
N GLU E 77 10.37 -29.20 37.34
CA GLU E 77 10.00 -30.60 37.17
C GLU E 77 8.73 -30.82 36.34
N GLU E 78 8.25 -29.78 35.69
CA GLU E 78 7.07 -29.89 34.84
C GLU E 78 7.47 -30.33 33.43
N PRO E 79 6.95 -31.48 32.99
CA PRO E 79 7.24 -32.00 31.65
C PRO E 79 6.94 -31.00 30.53
N GLU E 80 5.83 -30.27 30.65
CA GLU E 80 5.42 -29.33 29.62
C GLU E 80 6.41 -28.17 29.50
N ALA E 81 7.07 -27.85 30.61
CA ALA E 81 8.08 -26.80 30.60
C ALA E 81 9.18 -27.04 29.57
N ARG E 82 9.39 -28.31 29.21
CA ARG E 82 10.39 -28.63 28.20
C ARG E 82 10.03 -28.06 26.83
N LEU E 83 8.76 -27.73 26.62
CA LEU E 83 8.35 -27.13 25.36
C LEU E 83 8.68 -25.63 25.34
N VAL E 84 8.85 -25.04 26.52
CA VAL E 84 9.18 -23.63 26.64
C VAL E 84 10.66 -23.39 26.32
N GLY E 85 11.52 -24.26 26.81
CA GLY E 85 12.94 -24.17 26.56
C GLY E 85 13.65 -23.19 27.47
N LEU E 86 12.94 -22.16 27.89
CA LEU E 86 13.52 -21.08 28.69
C LEU E 86 13.98 -21.57 30.06
N SER E 87 14.94 -20.86 30.63
CA SER E 87 15.37 -21.10 32.00
C SER E 87 14.30 -20.55 32.93
N LEU E 88 14.26 -21.06 34.15
CA LEU E 88 13.23 -20.65 35.11
C LEU E 88 13.12 -19.13 35.19
N GLU E 89 14.25 -18.45 35.42
CA GLU E 89 14.22 -17.00 35.60
C GLU E 89 13.81 -16.26 34.33
N ASP E 90 14.13 -16.81 33.16
CA ASP E 90 13.71 -16.22 31.89
C ASP E 90 12.26 -16.55 31.58
N TYR E 91 11.76 -17.61 32.21
CA TYR E 91 10.35 -17.97 32.05
C TYR E 91 9.45 -16.97 32.79
N LEU E 92 9.80 -16.69 34.04
CA LEU E 92 9.02 -15.78 34.88
C LEU E 92 8.90 -14.37 34.32
N LYS E 93 9.97 -13.88 33.70
CA LYS E 93 9.93 -12.53 33.15
C LYS E 93 8.91 -12.43 32.03
N ARG E 94 8.93 -13.41 31.13
CA ARG E 94 8.00 -13.42 30.01
C ARG E 94 6.58 -13.65 30.52
N MET E 95 6.43 -14.55 31.48
CA MET E 95 5.11 -14.95 31.95
C MET E 95 4.40 -13.74 32.57
N LEU E 96 5.15 -12.90 33.25
CA LEU E 96 4.60 -11.74 33.95
C LEU E 96 4.30 -10.53 33.07
N SER E 97 4.95 -10.45 31.90
CA SER E 97 4.70 -9.36 30.97
C SER E 97 3.21 -9.29 30.62
N ASP E 98 2.64 -8.08 30.65
CA ASP E 98 1.22 -7.94 30.34
C ASP E 98 0.89 -8.60 29.00
N ASN E 99 -0.32 -9.12 28.90
CA ASN E 99 -0.79 -9.74 27.67
C ASN E 99 -0.04 -11.01 27.25
N GLU E 100 0.73 -11.58 28.17
CA GLU E 100 1.41 -12.85 27.87
C GLU E 100 0.46 -14.05 28.05
N TRP E 101 0.29 -14.82 26.99
CA TRP E 101 -0.61 -15.96 26.99
C TRP E 101 -0.30 -16.97 28.08
N GLY E 102 -1.31 -17.32 28.87
CA GLY E 102 -1.24 -18.47 29.75
C GLY E 102 -1.57 -19.71 28.94
N SER E 103 -1.39 -20.89 29.55
CA SER E 103 -1.46 -22.15 28.82
C SER E 103 -1.58 -23.32 29.78
N THR E 104 -1.65 -24.52 29.21
CA THR E 104 -1.75 -25.75 30.01
C THR E 104 -0.62 -25.89 31.04
N LEU E 105 0.53 -25.29 30.75
CA LEU E 105 1.66 -25.35 31.67
C LEU E 105 1.32 -24.66 33.00
N GLU E 106 0.72 -23.47 32.92
CA GLU E 106 0.33 -22.75 34.11
C GLU E 106 -0.83 -23.42 34.86
N ALA E 107 -1.73 -24.08 34.13
CA ALA E 107 -2.83 -24.77 34.78
C ALA E 107 -2.30 -25.96 35.58
N SER E 108 -1.30 -26.64 35.04
CA SER E 108 -0.67 -27.75 35.74
C SER E 108 -0.01 -27.26 37.03
N MET E 109 0.67 -26.13 36.95
CA MET E 109 1.35 -25.59 38.13
C MET E 109 0.37 -24.98 39.12
N LEU E 110 -0.60 -24.22 38.63
CA LEU E 110 -1.63 -23.64 39.50
C LEU E 110 -2.52 -24.68 40.19
N ALA E 111 -2.84 -25.77 39.50
CA ALA E 111 -3.62 -26.82 40.13
C ALA E 111 -2.94 -27.36 41.39
N LYS E 112 -1.62 -27.45 41.35
CA LYS E 112 -0.84 -27.89 42.52
C LYS E 112 -0.67 -26.78 43.55
N GLU E 113 -0.40 -25.56 43.08
CA GLU E 113 -0.24 -24.41 43.98
C GLU E 113 -1.52 -24.12 44.77
N MET E 114 -2.62 -23.90 44.06
CA MET E 114 -3.89 -23.54 44.67
C MET E 114 -4.66 -24.73 45.21
N GLY E 115 -4.18 -25.94 44.93
CA GLY E 115 -4.86 -27.13 45.42
C GLY E 115 -6.25 -27.33 44.83
N ILE E 116 -6.36 -27.19 43.52
CA ILE E 116 -7.63 -27.36 42.80
C ILE E 116 -7.46 -28.23 41.57
N THR E 117 -8.58 -28.63 40.97
CA THR E 117 -8.58 -29.36 39.71
C THR E 117 -9.03 -28.42 38.60
N ILE E 118 -8.21 -28.30 37.58
CA ILE E 118 -8.51 -27.43 36.45
C ILE E 118 -8.74 -28.32 35.24
N ILE E 119 -9.82 -28.05 34.52
CA ILE E 119 -10.14 -28.79 33.30
C ILE E 119 -10.24 -27.82 32.14
N ILE E 120 -9.46 -28.07 31.09
CA ILE E 120 -9.53 -27.24 29.89
C ILE E 120 -10.22 -28.03 28.80
N TRP E 121 -11.39 -27.55 28.39
CA TRP E 121 -12.18 -28.16 27.32
C TRP E 121 -11.85 -27.46 26.01
N THR E 122 -11.47 -28.23 24.99
CA THR E 122 -11.13 -27.63 23.71
C THR E 122 -12.22 -27.82 22.64
N VAL E 123 -12.62 -26.71 22.02
CA VAL E 123 -13.57 -26.76 20.91
C VAL E 123 -12.90 -26.33 19.61
N ASP E 127 -19.32 -25.06 18.74
CA ASP E 127 -18.99 -25.27 20.14
C ASP E 127 -19.05 -26.76 20.52
N GLU E 128 -18.66 -27.63 19.60
CA GLU E 128 -18.56 -29.07 19.88
C GLU E 128 -17.21 -29.43 20.50
N VAL E 129 -17.26 -30.12 21.64
CA VAL E 129 -16.05 -30.50 22.35
C VAL E 129 -15.30 -31.66 21.71
N GLU E 130 -14.00 -31.47 21.51
CA GLU E 130 -13.13 -32.51 20.99
C GLU E 130 -12.63 -33.40 22.13
N ALA E 131 -12.17 -32.73 23.19
CA ALA E 131 -11.52 -33.39 24.28
C ALA E 131 -11.41 -32.46 25.48
N GLY E 132 -11.05 -33.04 26.61
CA GLY E 132 -10.77 -32.26 27.80
C GLY E 132 -9.46 -32.76 28.37
N ILE E 133 -8.73 -31.85 28.98
CA ILE E 133 -7.49 -32.19 29.67
C ILE E 133 -7.67 -31.74 31.12
N LYS E 134 -7.50 -32.67 32.04
CA LYS E 134 -7.75 -32.41 33.45
C LYS E 134 -6.43 -32.43 34.22
N PHE E 135 -6.18 -31.38 35.00
CA PHE E 135 -5.03 -31.33 35.88
C PHE E 135 -5.55 -31.37 37.31
N GLY E 136 -5.20 -32.43 38.04
CA GLY E 136 -5.80 -32.68 39.34
C GLY E 136 -6.75 -33.86 39.28
N ASP E 137 -7.14 -34.36 40.45
CA ASP E 137 -7.89 -35.62 40.55
C ASP E 137 -9.39 -35.45 40.76
N GLY E 138 -9.83 -34.21 40.94
CA GLY E 138 -11.23 -33.94 41.19
C GLY E 138 -12.08 -34.26 39.97
N ASP E 139 -13.40 -34.16 40.12
CA ASP E 139 -14.30 -34.40 39.00
C ASP E 139 -14.80 -33.07 38.43
N VAL E 140 -15.53 -33.15 37.33
CA VAL E 140 -15.99 -31.95 36.65
C VAL E 140 -16.86 -31.06 37.53
N PHE E 141 -17.47 -31.66 38.55
CA PHE E 141 -18.37 -30.90 39.45
C PHE E 141 -17.64 -30.01 40.44
N THR E 142 -16.37 -30.33 40.69
CA THR E 142 -15.56 -29.56 41.62
C THR E 142 -14.53 -28.75 40.86
N ALA E 143 -14.29 -29.12 39.61
CA ALA E 143 -13.19 -28.54 38.86
C ALA E 143 -13.42 -27.08 38.52
N VAL E 144 -12.34 -26.39 38.26
CA VAL E 144 -12.36 -25.09 37.59
C VAL E 144 -12.35 -25.34 36.08
N ASN E 145 -13.51 -25.16 35.43
CA ASN E 145 -13.66 -25.51 34.02
C ASN E 145 -13.40 -24.34 33.08
N LEU E 146 -12.43 -24.51 32.18
CA LEU E 146 -12.10 -23.49 31.20
C LEU E 146 -12.46 -23.95 29.79
N LEU E 147 -12.74 -22.98 28.92
CA LEU E 147 -13.03 -23.23 27.51
C LEU E 147 -11.90 -22.67 26.64
N HIS E 148 -11.35 -23.53 25.79
CA HIS E 148 -10.26 -23.12 24.91
C HIS E 148 -10.80 -23.07 23.49
N SER E 149 -10.83 -21.88 22.89
CA SER E 149 -11.45 -21.70 21.59
C SER E 149 -10.54 -21.00 20.57
N GLY E 150 -10.78 -21.30 19.28
CA GLY E 150 -9.99 -20.73 18.20
C GLY E 150 -8.54 -21.11 18.32
N GLN E 151 -8.27 -22.10 19.17
CA GLN E 151 -6.93 -22.47 19.57
C GLN E 151 -6.12 -21.26 20.07
N THR E 152 -6.82 -20.17 20.39
CA THR E 152 -6.11 -18.95 20.77
C THR E 152 -6.73 -18.16 21.94
N HIS E 153 -7.73 -18.73 22.63
CA HIS E 153 -8.46 -17.95 23.62
C HIS E 153 -9.06 -18.77 24.77
N PHE E 154 -9.09 -18.20 25.96
CA PHE E 154 -9.72 -18.86 27.11
C PHE E 154 -10.94 -18.07 27.63
N ASP E 155 -12.00 -18.79 27.96
CA ASP E 155 -13.14 -18.23 28.68
C ASP E 155 -13.43 -19.13 29.87
N ALA E 156 -14.28 -18.70 30.78
CA ALA E 156 -14.66 -19.51 31.92
C ALA E 156 -15.97 -20.23 31.66
N LEU E 157 -16.12 -21.42 32.22
CA LEU E 157 -17.36 -22.18 32.16
C LEU E 157 -17.92 -22.36 33.55
N ARG E 158 -19.24 -22.36 33.66
CA ARG E 158 -19.92 -22.78 34.88
C ARG E 158 -21.00 -23.80 34.54
N ILE E 159 -20.99 -24.92 35.22
CA ILE E 159 -21.99 -25.96 35.00
C ILE E 159 -23.37 -25.33 35.09
N LEU E 160 -24.29 -25.75 34.22
CA LEU E 160 -25.67 -25.27 34.28
C LEU E 160 -26.38 -25.75 35.56
N PRO E 161 -27.26 -24.91 36.12
CA PRO E 161 -27.79 -25.21 37.45
C PRO E 161 -28.57 -26.53 37.51
N GLN E 162 -29.21 -26.94 36.42
CA GLN E 162 -29.98 -28.19 36.45
C GLN E 162 -29.11 -29.44 36.53
N PHE E 163 -27.80 -29.30 36.30
CA PHE E 163 -26.91 -30.45 36.36
C PHE E 163 -26.06 -30.45 37.63
N MET F 1 8.62 -49.21 10.55
CA MET F 1 7.79 -50.09 11.36
C MET F 1 6.58 -49.31 11.85
N GLN F 2 5.49 -50.00 12.14
CA GLN F 2 4.26 -49.32 12.52
C GLN F 2 4.20 -49.09 14.03
N ILE F 3 3.90 -47.85 14.42
CA ILE F 3 3.47 -47.57 15.78
C ILE F 3 2.08 -46.95 15.76
N PHE F 4 1.45 -46.85 16.92
CA PHE F 4 0.16 -46.21 17.03
C PHE F 4 0.31 -44.97 17.91
N VAL F 5 -0.54 -43.97 17.69
CA VAL F 5 -0.57 -42.78 18.53
C VAL F 5 -2.00 -42.31 18.80
N LYS F 6 -2.38 -42.28 20.06
CA LYS F 6 -3.70 -41.78 20.46
C LYS F 6 -3.64 -40.26 20.61
N THR F 7 -4.32 -39.55 19.73
CA THR F 7 -4.27 -38.10 19.77
C THR F 7 -5.16 -37.58 20.89
N LEU F 8 -5.12 -36.28 21.10
CA LEU F 8 -5.89 -35.63 22.14
C LEU F 8 -7.38 -35.86 21.90
N THR F 9 -7.79 -35.79 20.64
CA THR F 9 -9.18 -36.04 20.27
C THR F 9 -9.59 -37.50 20.39
N GLY F 10 -8.67 -38.36 20.82
CA GLY F 10 -9.02 -39.75 21.09
C GLY F 10 -8.95 -40.64 19.87
N LYS F 11 -8.38 -40.10 18.80
CA LYS F 11 -8.23 -40.85 17.55
C LYS F 11 -6.92 -41.62 17.57
N THR F 12 -7.01 -42.92 17.29
CA THR F 12 -5.82 -43.76 17.22
C THR F 12 -5.36 -43.89 15.77
N ILE F 13 -4.17 -43.39 15.48
CA ILE F 13 -3.63 -43.45 14.13
C ILE F 13 -2.48 -44.44 14.06
N THR F 14 -2.17 -44.88 12.84
CA THR F 14 -0.98 -45.67 12.62
C THR F 14 0.12 -44.70 12.16
N LEU F 15 1.37 -45.03 12.45
CA LEU F 15 2.49 -44.17 12.08
C LEU F 15 3.68 -45.02 11.64
N GLU F 16 4.28 -44.66 10.53
CA GLU F 16 5.46 -45.37 10.04
C GLU F 16 6.71 -44.69 10.56
N VAL F 17 7.47 -45.39 11.38
CA VAL F 17 8.65 -44.80 12.01
C VAL F 17 9.89 -45.68 11.89
N GLU F 18 11.01 -45.11 12.30
CA GLU F 18 12.28 -45.82 12.38
C GLU F 18 12.80 -45.70 13.81
N PRO F 19 13.27 -46.82 14.37
CA PRO F 19 13.80 -46.85 15.74
C PRO F 19 14.82 -45.74 15.99
N SER F 20 15.50 -45.30 14.94
CA SER F 20 16.54 -44.28 15.08
C SER F 20 15.95 -42.88 14.93
N ASP F 21 14.65 -42.81 14.65
CA ASP F 21 13.96 -41.54 14.54
C ASP F 21 14.07 -40.81 15.87
N THR F 22 14.38 -39.52 15.81
CA THR F 22 14.31 -38.69 17.01
C THR F 22 12.84 -38.44 17.31
N ILE F 23 12.54 -38.07 18.54
CA ILE F 23 11.18 -37.71 18.90
C ILE F 23 10.71 -36.53 18.05
N GLU F 24 11.61 -35.58 17.80
CA GLU F 24 11.35 -34.45 16.91
C GLU F 24 10.89 -34.92 15.53
N ASN F 25 11.48 -36.01 15.06
CA ASN F 25 11.15 -36.57 13.75
C ASN F 25 9.80 -37.26 13.75
N VAL F 26 9.43 -37.84 14.88
CA VAL F 26 8.14 -38.50 15.01
C VAL F 26 7.03 -37.44 14.95
N LYS F 27 7.28 -36.29 15.58
CA LYS F 27 6.33 -35.19 15.53
C LYS F 27 6.09 -34.70 14.11
N ALA F 28 7.14 -34.72 13.29
CA ALA F 28 7.03 -34.28 11.91
C ALA F 28 6.19 -35.26 11.11
N LYS F 29 6.36 -36.54 11.39
CA LYS F 29 5.59 -37.58 10.74
C LYS F 29 4.12 -37.49 11.18
N ILE F 30 3.88 -36.95 12.37
CA ILE F 30 2.52 -36.74 12.84
C ILE F 30 1.85 -35.54 12.16
N GLN F 31 2.65 -34.50 11.90
CA GLN F 31 2.15 -33.33 11.21
C GLN F 31 1.87 -33.66 9.74
N ASP F 32 2.80 -34.35 9.10
CA ASP F 32 2.59 -34.75 7.72
C ASP F 32 1.28 -35.51 7.59
N LYS F 33 0.98 -36.34 8.58
CA LYS F 33 -0.13 -37.29 8.47
C LYS F 33 -1.47 -36.75 8.96
N GLU F 34 -1.46 -36.16 10.14
CA GLU F 34 -2.68 -35.66 10.75
C GLU F 34 -2.82 -34.14 10.65
N GLY F 35 -1.70 -33.45 10.50
CA GLY F 35 -1.71 -32.00 10.41
C GLY F 35 -1.42 -31.26 11.72
N ILE F 36 -1.13 -31.99 12.79
CA ILE F 36 -0.86 -31.37 14.08
C ILE F 36 0.57 -30.80 14.15
N PRO F 37 0.70 -29.51 14.53
CA PRO F 37 2.00 -28.82 14.52
C PRO F 37 2.93 -29.31 15.63
N PRO F 38 4.21 -29.54 15.32
CA PRO F 38 5.10 -30.14 16.31
C PRO F 38 5.25 -29.29 17.58
N ASP F 39 5.10 -27.97 17.46
CA ASP F 39 5.20 -27.10 18.64
C ASP F 39 4.17 -27.46 19.71
N GLN F 40 2.99 -27.90 19.28
CA GLN F 40 1.92 -28.23 20.20
C GLN F 40 2.04 -29.63 20.80
N GLN F 41 2.78 -30.50 20.12
CA GLN F 41 2.80 -31.91 20.51
C GLN F 41 3.56 -32.18 21.80
N ARG F 42 2.95 -32.97 22.67
CA ARG F 42 3.63 -33.60 23.78
C ARG F 42 3.43 -35.10 23.61
N LEU F 43 4.50 -35.82 23.33
CA LEU F 43 4.42 -37.27 23.12
C LEU F 43 4.78 -38.01 24.40
N ILE F 44 4.01 -39.03 24.72
CA ILE F 44 4.10 -39.69 26.01
C ILE F 44 4.04 -41.19 25.87
N PHE F 45 4.96 -41.88 26.55
CA PHE F 45 4.99 -43.34 26.57
C PHE F 45 5.33 -43.83 27.97
N ALA F 46 4.53 -44.77 28.48
CA ALA F 46 4.70 -45.30 29.82
C ALA F 46 4.79 -44.19 30.90
N GLY F 47 3.90 -43.21 30.80
CA GLY F 47 3.85 -42.17 31.81
C GLY F 47 4.98 -41.16 31.75
N LYS F 48 5.87 -41.30 30.78
CA LYS F 48 6.98 -40.36 30.63
C LYS F 48 6.75 -39.49 29.40
N GLN F 49 7.08 -38.20 29.51
CA GLN F 49 7.07 -37.34 28.32
C GLN F 49 8.40 -37.42 27.60
N LEU F 50 8.35 -37.73 26.31
CA LEU F 50 9.56 -38.01 25.53
C LEU F 50 10.25 -36.73 25.08
N GLU F 51 11.56 -36.67 25.31
CA GLU F 51 12.32 -35.47 24.97
C GLU F 51 12.81 -35.47 23.52
N ASP F 52 12.71 -34.31 22.88
CA ASP F 52 12.98 -34.18 21.45
C ASP F 52 14.26 -34.83 20.92
N GLY F 53 15.39 -34.47 21.51
CA GLY F 53 16.68 -34.91 21.02
C GLY F 53 16.90 -36.42 21.07
N ARG F 54 16.00 -37.13 21.74
CA ARG F 54 16.15 -38.56 21.94
C ARG F 54 15.40 -39.39 20.89
N THR F 55 15.75 -40.66 20.79
CA THR F 55 15.17 -41.54 19.77
C THR F 55 14.12 -42.48 20.36
N LEU F 56 13.35 -43.12 19.48
CA LEU F 56 12.40 -44.10 19.96
C LEU F 56 13.15 -45.20 20.71
N SER F 57 14.28 -45.65 20.17
CA SER F 57 15.01 -46.77 20.78
C SER F 57 15.60 -46.42 22.13
N ASP F 58 15.93 -45.15 22.33
CA ASP F 58 16.33 -44.67 23.65
C ASP F 58 15.27 -45.05 24.68
N TYR F 59 14.01 -45.02 24.25
CA TYR F 59 12.89 -45.24 25.14
C TYR F 59 12.31 -46.66 25.06
N ASN F 60 13.06 -47.55 24.43
CA ASN F 60 12.63 -48.95 24.31
C ASN F 60 11.28 -49.06 23.60
N ILE F 61 11.05 -48.18 22.63
CA ILE F 61 9.81 -48.18 21.87
C ILE F 61 9.92 -49.10 20.66
N GLN F 62 9.02 -50.07 20.57
CA GLN F 62 9.13 -51.09 19.54
C GLN F 62 7.95 -51.06 18.58
N LYS F 63 8.01 -51.93 17.57
CA LYS F 63 6.95 -52.03 16.60
C LYS F 63 5.63 -52.27 17.33
N GLU F 64 4.60 -51.56 16.91
CA GLU F 64 3.26 -51.74 17.47
C GLU F 64 3.10 -51.26 18.92
N SER F 65 4.03 -50.42 19.38
CA SER F 65 3.81 -49.72 20.64
C SER F 65 2.75 -48.64 20.44
N THR F 66 2.17 -48.16 21.54
CA THR F 66 1.22 -47.05 21.46
C THR F 66 1.72 -45.84 22.25
N LEU F 67 1.79 -44.69 21.59
CA LEU F 67 2.15 -43.44 22.26
C LEU F 67 0.88 -42.62 22.47
N HIS F 68 0.89 -41.78 23.50
CA HIS F 68 -0.22 -40.84 23.70
C HIS F 68 0.24 -39.46 23.26
N LEU F 69 -0.69 -38.68 22.74
CA LEU F 69 -0.39 -37.34 22.30
C LEU F 69 -1.29 -36.35 23.01
N VAL F 70 -0.67 -35.47 23.81
CA VAL F 70 -1.41 -34.40 24.47
C VAL F 70 -0.88 -33.07 23.94
N LEU F 71 -1.77 -32.11 23.80
CA LEU F 71 -1.42 -30.84 23.18
C LEU F 71 -1.11 -29.76 24.20
N ARG F 72 -0.12 -28.93 23.88
CA ARG F 72 0.13 -27.71 24.63
C ARG F 72 -0.89 -26.69 24.13
N LEU F 73 -1.75 -26.21 25.01
CA LEU F 73 -2.78 -25.25 24.60
C LEU F 73 -2.50 -23.85 25.18
N ARG F 74 -2.39 -22.88 24.28
CA ARG F 74 -2.11 -21.50 24.66
C ARG F 74 -3.24 -20.59 24.19
N GLY F 75 -3.42 -19.48 24.87
CA GLY F 75 -4.41 -18.50 24.43
C GLY F 75 -4.21 -17.17 25.12
N ASP G 4 -14.87 47.32 -24.26
CA ASP G 4 -13.66 47.78 -24.93
C ASP G 4 -12.38 47.50 -24.13
N PHE G 5 -12.50 46.71 -23.06
CA PHE G 5 -11.31 46.14 -22.46
C PHE G 5 -10.72 45.20 -23.50
N LEU G 6 -11.57 44.41 -24.12
CA LEU G 6 -11.13 43.45 -25.12
C LEU G 6 -10.61 44.16 -26.36
N ARG G 7 -11.01 45.42 -26.54
CA ARG G 7 -10.56 46.22 -27.67
C ARG G 7 -9.26 46.93 -27.37
N SER G 8 -8.83 46.88 -26.12
CA SER G 8 -7.63 47.57 -25.71
C SER G 8 -6.46 46.61 -25.59
N LEU G 9 -6.69 45.35 -25.95
CA LEU G 9 -5.64 44.34 -25.83
C LEU G 9 -4.40 44.75 -26.61
N ASP G 10 -3.24 44.71 -25.95
CA ASP G 10 -2.00 45.14 -26.56
C ASP G 10 -1.19 43.94 -27.05
N TRP G 11 -1.32 43.62 -28.34
CA TRP G 11 -0.58 42.50 -28.94
C TRP G 11 0.76 42.95 -29.52
N THR G 12 1.84 42.29 -29.11
CA THR G 12 3.16 42.56 -29.64
C THR G 12 3.60 41.43 -30.55
N GLN G 13 4.05 41.76 -31.76
CA GLN G 13 4.52 40.75 -32.70
C GLN G 13 5.92 40.28 -32.31
N VAL G 14 6.10 38.98 -32.14
CA VAL G 14 7.38 38.46 -31.67
C VAL G 14 8.09 37.64 -32.75
N ILE G 15 7.31 37.07 -33.65
CA ILE G 15 7.85 36.30 -34.74
C ILE G 15 6.73 36.15 -35.75
N ALA G 16 7.09 35.87 -37.00
CA ALA G 16 6.12 35.82 -38.09
C ALA G 16 4.82 35.14 -37.69
N GLY G 17 3.72 35.87 -37.79
CA GLY G 17 2.39 35.34 -37.49
C GLY G 17 2.07 35.00 -36.05
N GLN G 18 2.92 35.42 -35.11
CA GLN G 18 2.72 35.10 -33.69
C GLN G 18 2.87 36.33 -32.80
N TYR G 19 1.86 36.55 -31.96
CA TYR G 19 1.81 37.72 -31.10
C TYR G 19 1.66 37.32 -29.63
N VAL G 20 2.09 38.20 -28.73
CA VAL G 20 1.94 37.95 -27.30
C VAL G 20 1.32 39.18 -26.63
N SER G 21 0.44 38.94 -25.67
CA SER G 21 -0.17 40.03 -24.91
C SER G 21 -0.13 39.68 -23.43
N ASN G 22 -0.20 40.71 -22.59
CA ASN G 22 -0.09 40.51 -21.16
C ASN G 22 -1.12 41.28 -20.36
N PRO G 23 -2.40 41.09 -20.69
CA PRO G 23 -3.47 41.76 -19.96
C PRO G 23 -3.61 41.12 -18.57
N ARG G 24 -4.44 41.73 -17.73
CA ARG G 24 -4.78 41.16 -16.44
C ARG G 24 -6.29 41.17 -16.27
N PHE G 25 -6.89 39.98 -16.22
CA PHE G 25 -8.34 39.84 -16.00
C PHE G 25 -8.68 38.44 -15.48
N ASN G 26 -9.87 38.31 -14.89
CA ASN G 26 -10.44 37.02 -14.56
C ASN G 26 -11.00 36.43 -15.85
N ILE G 27 -10.54 35.24 -16.23
CA ILE G 27 -11.03 34.63 -17.46
C ILE G 27 -12.56 34.62 -17.51
N SER G 28 -13.18 34.25 -16.39
CA SER G 28 -14.63 34.12 -16.34
C SER G 28 -15.36 35.47 -16.20
N ASP G 29 -14.61 36.55 -16.20
CA ASP G 29 -15.24 37.87 -16.25
C ASP G 29 -15.66 38.22 -17.66
N TYR G 30 -14.97 37.65 -18.65
CA TYR G 30 -15.19 37.99 -20.05
C TYR G 30 -15.49 36.81 -20.95
N PHE G 31 -15.19 35.59 -20.47
CA PHE G 31 -15.38 34.36 -21.24
C PHE G 31 -16.25 33.34 -20.54
N GLU G 32 -17.03 32.62 -21.33
CA GLU G 32 -17.64 31.38 -20.89
C GLU G 32 -16.61 30.28 -21.09
N ILE G 33 -16.38 29.47 -20.05
CA ILE G 33 -15.52 28.30 -20.20
C ILE G 33 -16.34 27.10 -20.64
N VAL G 34 -15.95 26.49 -21.75
CA VAL G 34 -16.58 25.26 -22.17
C VAL G 34 -15.63 24.09 -21.90
N ARG G 35 -15.87 23.38 -20.80
CA ARG G 35 -14.96 22.33 -20.36
C ARG G 35 -14.93 21.14 -21.30
N GLN G 36 -13.74 20.56 -21.44
CA GLN G 36 -13.50 19.45 -22.35
C GLN G 36 -13.12 18.19 -21.57
N PRO G 37 -13.45 17.01 -22.11
CA PRO G 37 -13.25 15.73 -21.44
C PRO G 37 -11.88 15.60 -20.80
N GLY G 38 -11.79 14.79 -19.76
CA GLY G 38 -10.54 14.63 -19.04
C GLY G 38 -9.61 13.60 -19.65
N ASP G 39 -9.40 13.66 -20.96
CA ASP G 39 -8.43 12.79 -21.62
C ASP G 39 -7.32 13.62 -22.27
N GLY G 40 -6.41 12.94 -22.97
CA GLY G 40 -5.27 13.60 -23.57
C GLY G 40 -5.53 14.28 -24.89
N ASN G 41 -6.80 14.28 -25.33
CA ASN G 41 -7.15 14.86 -26.63
C ASN G 41 -7.71 16.28 -26.46
N CYS G 42 -7.61 16.83 -25.26
CA CYS G 42 -8.28 18.08 -24.92
C CYS G 42 -7.99 19.22 -25.89
N PHE G 43 -6.76 19.30 -26.43
CA PHE G 43 -6.44 20.37 -27.38
C PHE G 43 -7.36 20.31 -28.61
N TYR G 44 -7.46 19.12 -29.19
CA TYR G 44 -8.27 18.91 -30.39
C TYR G 44 -9.77 19.01 -30.09
N HIS G 45 -10.17 18.49 -28.94
CA HIS G 45 -11.52 18.70 -28.42
C HIS G 45 -11.89 20.19 -28.43
N SER G 46 -10.99 21.02 -27.92
CA SER G 46 -11.23 22.46 -27.83
C SER G 46 -11.39 23.14 -29.18
N ILE G 47 -10.47 22.89 -30.10
CA ILE G 47 -10.59 23.44 -31.44
C ILE G 47 -11.92 23.03 -32.08
N ALA G 48 -12.28 21.76 -31.95
CA ALA G 48 -13.50 21.26 -32.58
C ALA G 48 -14.74 21.97 -32.01
N GLU G 49 -14.77 22.14 -30.70
CA GLU G 49 -15.86 22.86 -30.05
C GLU G 49 -16.17 24.20 -30.73
N LEU G 50 -15.13 24.93 -31.13
CA LEU G 50 -15.30 26.28 -31.63
C LEU G 50 -15.36 26.40 -33.17
N THR G 51 -15.08 25.31 -33.88
CA THR G 51 -14.98 25.36 -35.33
C THR G 51 -15.84 24.32 -36.05
N MET G 52 -16.49 23.44 -35.31
CA MET G 52 -17.25 22.34 -35.91
C MET G 52 -18.70 22.32 -35.48
N PRO G 53 -19.62 22.23 -36.44
CA PRO G 53 -21.06 22.16 -36.13
C PRO G 53 -21.38 20.85 -35.42
N ASN G 54 -22.36 20.88 -34.52
CA ASN G 54 -22.79 19.66 -33.84
C ASN G 54 -21.64 18.88 -33.20
N LYS G 55 -20.72 19.59 -32.57
CA LYS G 55 -19.54 18.97 -31.98
C LYS G 55 -19.89 17.89 -30.95
N THR G 56 -19.20 16.76 -31.04
CA THR G 56 -19.36 15.68 -30.07
C THR G 56 -17.99 15.33 -29.52
N ASP G 57 -17.91 14.27 -28.71
CA ASP G 57 -16.64 13.80 -28.17
C ASP G 57 -15.77 13.06 -29.19
N HIS G 58 -16.27 12.94 -30.42
CA HIS G 58 -15.53 12.29 -31.49
C HIS G 58 -15.10 13.26 -32.59
N SER G 59 -15.56 14.50 -32.52
CA SER G 59 -15.23 15.51 -33.52
C SER G 59 -13.73 15.81 -33.61
N TYR G 60 -12.98 15.45 -32.58
CA TYR G 60 -11.57 15.82 -32.53
C TYR G 60 -10.71 15.09 -33.57
N HIS G 61 -11.22 13.97 -34.11
CA HIS G 61 -10.49 13.25 -35.16
C HIS G 61 -10.37 14.11 -36.43
N TYR G 62 -11.40 14.88 -36.74
CA TYR G 62 -11.32 15.79 -37.88
C TYR G 62 -10.16 16.75 -37.74
N ILE G 63 -10.07 17.38 -36.58
CA ILE G 63 -9.00 18.33 -36.29
C ILE G 63 -7.60 17.67 -36.36
N LYS G 64 -7.45 16.45 -35.86
CA LYS G 64 -6.17 15.77 -35.97
C LYS G 64 -5.83 15.46 -37.44
N ARG G 65 -6.85 15.20 -38.25
CA ARG G 65 -6.67 15.04 -39.69
C ARG G 65 -6.19 16.34 -40.35
N LEU G 66 -6.78 17.46 -39.96
CA LEU G 66 -6.38 18.76 -40.50
C LEU G 66 -4.97 19.07 -40.02
N THR G 67 -4.64 18.60 -38.82
CA THR G 67 -3.32 18.80 -38.26
C THR G 67 -2.27 17.98 -39.01
N GLU G 68 -2.61 16.74 -39.38
CA GLU G 68 -1.71 15.91 -40.19
C GLU G 68 -1.39 16.61 -41.49
N SER G 69 -2.43 17.14 -42.14
CA SER G 69 -2.29 17.85 -43.40
C SER G 69 -1.48 19.14 -43.25
N ALA G 70 -1.79 19.94 -42.22
CA ALA G 70 -1.03 21.15 -41.97
C ALA G 70 0.46 20.84 -41.78
N ALA G 71 0.75 19.72 -41.13
CA ALA G 71 2.12 19.37 -40.78
C ALA G 71 2.94 19.15 -42.05
N ARG G 72 2.33 18.45 -43.00
CA ARG G 72 3.02 18.12 -44.25
C ARG G 72 3.32 19.35 -45.09
N LYS G 73 2.60 20.43 -44.82
CA LYS G 73 2.83 21.69 -45.51
C LYS G 73 3.72 22.65 -44.70
N TYR G 74 3.58 22.65 -43.38
CA TYR G 74 4.23 23.68 -42.54
C TYR G 74 5.27 23.19 -41.53
N TYR G 75 5.13 21.95 -41.05
CA TYR G 75 6.01 21.44 -39.99
C TYR G 75 7.47 21.77 -40.25
N GLN G 76 7.89 21.63 -41.51
CA GLN G 76 9.28 21.84 -41.90
C GLN G 76 9.78 23.23 -41.56
N GLU G 77 8.90 24.21 -41.63
CA GLU G 77 9.30 25.61 -41.51
C GLU G 77 8.93 26.23 -40.16
N GLU G 78 8.13 25.51 -39.38
CA GLU G 78 7.73 25.98 -38.06
C GLU G 78 8.90 26.03 -37.10
N PRO G 79 9.23 27.23 -36.60
CA PRO G 79 10.31 27.35 -35.61
C PRO G 79 10.08 26.47 -34.38
N GLU G 80 8.85 26.39 -33.89
CA GLU G 80 8.62 25.58 -32.69
C GLU G 80 8.94 24.10 -32.90
N ALA G 81 8.92 23.67 -34.16
CA ALA G 81 9.25 22.27 -34.47
C ALA G 81 10.69 21.94 -34.07
N ARG G 82 11.53 22.97 -34.02
CA ARG G 82 12.89 22.83 -33.51
C ARG G 82 12.91 22.23 -32.10
N LEU G 83 11.88 22.51 -31.31
CA LEU G 83 11.84 22.02 -29.92
C LEU G 83 11.38 20.57 -29.83
N VAL G 84 10.78 20.07 -30.91
CA VAL G 84 10.43 18.66 -31.01
C VAL G 84 11.62 17.92 -31.61
N GLY G 85 12.18 18.48 -32.67
CA GLY G 85 13.31 17.89 -33.35
C GLY G 85 12.90 16.77 -34.30
N LEU G 86 11.96 15.94 -33.85
CA LEU G 86 11.51 14.77 -34.63
C LEU G 86 11.42 15.04 -36.12
N SER G 87 11.81 14.05 -36.92
CA SER G 87 11.58 14.10 -38.35
C SER G 87 10.07 14.11 -38.53
N LEU G 88 9.60 14.63 -39.66
CA LEU G 88 8.17 14.63 -39.94
C LEU G 88 7.54 13.26 -39.67
N GLU G 89 7.93 12.24 -40.45
CA GLU G 89 7.34 10.91 -40.32
C GLU G 89 7.15 10.46 -38.88
N ASP G 90 8.12 10.74 -38.01
CA ASP G 90 8.04 10.37 -36.61
C ASP G 90 7.11 11.29 -35.82
N TYR G 91 7.21 12.59 -36.08
CA TYR G 91 6.31 13.55 -35.45
C TYR G 91 4.85 13.20 -35.74
N LEU G 92 4.51 13.08 -37.02
CA LEU G 92 3.15 12.72 -37.43
C LEU G 92 2.67 11.46 -36.72
N LYS G 93 3.55 10.48 -36.64
CA LYS G 93 3.25 9.20 -36.01
C LYS G 93 2.91 9.39 -34.53
N ARG G 94 3.67 10.25 -33.86
CA ARG G 94 3.44 10.53 -32.45
C ARG G 94 2.16 11.37 -32.27
N MET G 95 1.97 12.34 -33.16
CA MET G 95 0.81 13.23 -33.10
C MET G 95 -0.52 12.48 -33.20
N LEU G 96 -0.61 11.56 -34.17
CA LEU G 96 -1.83 10.82 -34.42
C LEU G 96 -2.22 9.82 -33.33
N SER G 97 -1.28 9.48 -32.47
CA SER G 97 -1.51 8.49 -31.41
C SER G 97 -2.62 8.95 -30.47
N ASP G 98 -3.36 8.00 -29.93
CA ASP G 98 -4.46 8.32 -29.02
C ASP G 98 -3.93 9.01 -27.76
N ASN G 99 -4.64 10.05 -27.34
CA ASN G 99 -4.33 10.77 -26.10
C ASN G 99 -2.98 11.49 -26.10
N GLU G 100 -2.41 11.69 -27.27
CA GLU G 100 -1.17 12.45 -27.38
C GLU G 100 -1.45 13.96 -27.28
N TRP G 101 -0.81 14.62 -26.33
CA TRP G 101 -1.06 16.04 -26.09
C TRP G 101 -0.81 16.93 -27.29
N GLY G 102 -1.79 17.80 -27.59
CA GLY G 102 -1.60 18.85 -28.57
C GLY G 102 -0.92 20.05 -27.92
N SER G 103 -0.58 21.05 -28.73
CA SER G 103 0.23 22.16 -28.24
C SER G 103 0.23 23.38 -29.14
N THR G 104 1.08 24.34 -28.78
CA THR G 104 1.25 25.56 -29.56
C THR G 104 1.81 25.28 -30.95
N LEU G 105 2.54 24.18 -31.11
CA LEU G 105 3.03 23.84 -32.45
C LEU G 105 1.86 23.56 -33.39
N GLU G 106 0.93 22.73 -32.93
CA GLU G 106 -0.27 22.38 -33.69
C GLU G 106 -1.18 23.61 -33.93
N ALA G 107 -1.37 24.42 -32.90
CA ALA G 107 -2.13 25.66 -33.03
C ALA G 107 -1.58 26.56 -34.15
N SER G 108 -0.25 26.67 -34.21
CA SER G 108 0.35 27.52 -35.23
C SER G 108 0.11 26.96 -36.63
N MET G 109 0.23 25.65 -36.77
CA MET G 109 0.04 25.03 -38.07
C MET G 109 -1.44 25.02 -38.48
N LEU G 110 -2.32 24.77 -37.52
CA LEU G 110 -3.76 24.78 -37.79
C LEU G 110 -4.26 26.15 -38.18
N ALA G 111 -3.74 27.20 -37.53
CA ALA G 111 -4.15 28.55 -37.84
C ALA G 111 -3.94 28.84 -39.34
N LYS G 112 -2.81 28.37 -39.87
CA LYS G 112 -2.51 28.55 -41.28
C LYS G 112 -3.36 27.65 -42.18
N GLU G 113 -3.51 26.39 -41.76
CA GLU G 113 -4.23 25.38 -42.53
C GLU G 113 -5.74 25.67 -42.57
N MET G 114 -6.30 26.04 -41.43
CA MET G 114 -7.73 26.28 -41.35
C MET G 114 -8.09 27.70 -41.76
N GLY G 115 -7.09 28.56 -41.81
CA GLY G 115 -7.34 29.96 -42.16
C GLY G 115 -8.03 30.74 -41.05
N ILE G 116 -7.65 30.47 -39.81
CA ILE G 116 -8.25 31.17 -38.67
C ILE G 116 -7.17 31.76 -37.76
N THR G 117 -7.61 32.53 -36.77
CA THR G 117 -6.72 33.01 -35.71
C THR G 117 -7.01 32.22 -34.45
N ILE G 118 -5.96 31.70 -33.84
CA ILE G 118 -6.10 30.96 -32.60
C ILE G 118 -5.36 31.69 -31.52
N ILE G 119 -6.01 31.91 -30.38
CA ILE G 119 -5.38 32.53 -29.23
C ILE G 119 -5.37 31.51 -28.11
N ILE G 120 -4.24 31.38 -27.43
CA ILE G 120 -4.20 30.51 -26.26
C ILE G 120 -3.98 31.37 -25.03
N TRP G 121 -4.97 31.40 -24.14
CA TRP G 121 -4.88 32.13 -22.87
C TRP G 121 -4.37 31.19 -21.78
N THR G 122 -3.31 31.60 -21.10
CA THR G 122 -2.70 30.79 -20.08
C THR G 122 -2.99 31.41 -18.71
N VAL G 123 -3.33 30.57 -17.74
CA VAL G 123 -3.78 31.07 -16.44
C VAL G 123 -3.02 30.49 -15.26
N ALA G 124 -3.21 31.10 -14.09
CA ALA G 124 -2.45 30.74 -12.89
C ALA G 124 -3.26 30.00 -11.82
N ALA G 125 -4.04 29.00 -12.22
CA ALA G 125 -4.81 28.17 -11.29
C ALA G 125 -5.93 28.95 -10.61
N SER G 126 -5.63 30.16 -10.16
CA SER G 126 -6.65 31.09 -9.68
C SER G 126 -7.46 31.58 -10.88
N ASP G 127 -7.11 31.07 -12.05
CA ASP G 127 -7.75 31.46 -13.31
C ASP G 127 -7.60 32.96 -13.62
N GLU G 128 -6.56 33.58 -13.04
CA GLU G 128 -6.13 34.90 -13.48
C GLU G 128 -5.21 34.75 -14.69
N VAL G 129 -5.54 35.45 -15.76
CA VAL G 129 -4.72 35.41 -16.96
C VAL G 129 -3.31 35.98 -16.77
N GLU G 130 -2.34 35.25 -17.28
CA GLU G 130 -0.95 35.67 -17.27
C GLU G 130 -0.56 36.28 -18.61
N ALA G 131 -0.92 35.58 -19.68
CA ALA G 131 -0.44 35.90 -21.01
C ALA G 131 -1.39 35.31 -22.05
N GLY G 132 -1.40 35.92 -23.23
CA GLY G 132 -2.08 35.36 -24.36
C GLY G 132 -1.09 35.20 -25.49
N ILE G 133 -1.19 34.08 -26.21
CA ILE G 133 -0.35 33.85 -27.38
C ILE G 133 -1.23 33.67 -28.60
N LYS G 134 -1.08 34.58 -29.56
CA LYS G 134 -1.95 34.64 -30.72
C LYS G 134 -1.28 34.11 -31.99
N PHE G 135 -1.92 33.13 -32.61
CA PHE G 135 -1.45 32.59 -33.86
C PHE G 135 -2.40 33.05 -34.98
N GLY G 136 -1.90 33.92 -35.85
CA GLY G 136 -2.75 34.57 -36.84
C GLY G 136 -2.97 36.04 -36.54
N ASP G 137 -3.42 36.78 -37.55
CA ASP G 137 -3.52 38.23 -37.45
C ASP G 137 -4.91 38.75 -37.05
N GLY G 138 -5.83 37.85 -36.73
CA GLY G 138 -7.19 38.26 -36.38
C GLY G 138 -7.24 38.79 -34.96
N ASP G 139 -8.36 39.39 -34.57
CA ASP G 139 -8.51 39.87 -33.19
C ASP G 139 -9.31 38.89 -32.32
N VAL G 140 -9.46 39.24 -31.04
CA VAL G 140 -10.04 38.32 -30.07
C VAL G 140 -11.48 37.96 -30.40
N PHE G 141 -12.19 38.87 -31.05
CA PHE G 141 -13.60 38.67 -31.37
C PHE G 141 -13.81 37.67 -32.50
N THR G 142 -12.82 37.54 -33.37
CA THR G 142 -12.91 36.63 -34.52
C THR G 142 -12.21 35.31 -34.22
N ALA G 143 -11.42 35.29 -33.14
CA ALA G 143 -10.49 34.20 -32.88
C ALA G 143 -11.15 32.98 -32.27
N VAL G 144 -10.49 31.83 -32.36
CA VAL G 144 -10.87 30.72 -31.51
C VAL G 144 -9.96 30.76 -30.28
N ASN G 145 -10.60 31.01 -29.14
CA ASN G 145 -9.92 31.21 -27.86
C ASN G 145 -9.85 29.91 -27.08
N LEU G 146 -8.63 29.53 -26.70
CA LEU G 146 -8.38 28.36 -25.87
C LEU G 146 -7.85 28.78 -24.49
N LEU G 147 -8.13 27.96 -23.49
CA LEU G 147 -7.66 28.18 -22.12
C LEU G 147 -6.71 27.07 -21.70
N HIS G 148 -5.45 27.43 -21.49
CA HIS G 148 -4.43 26.50 -21.03
C HIS G 148 -4.30 26.64 -19.51
N SER G 149 -4.56 25.56 -18.79
CA SER G 149 -4.59 25.61 -17.33
C SER G 149 -3.81 24.46 -16.70
N GLY G 150 -3.35 24.68 -15.47
CA GLY G 150 -2.61 23.67 -14.74
C GLY G 150 -1.32 23.33 -15.45
N GLN G 151 -1.02 24.12 -16.48
CA GLN G 151 0.13 23.88 -17.33
C GLN G 151 0.01 22.59 -18.11
N THR G 152 -1.18 21.99 -18.13
CA THR G 152 -1.32 20.63 -18.66
C THR G 152 -2.66 20.31 -19.34
N HIS G 153 -3.48 21.33 -19.59
CA HIS G 153 -4.84 21.09 -20.04
C HIS G 153 -5.41 22.26 -20.84
N PHE G 154 -6.16 21.95 -21.89
CA PHE G 154 -6.81 22.94 -22.72
C PHE G 154 -8.31 22.83 -22.56
N ASP G 155 -9.01 23.97 -22.43
CA ASP G 155 -10.46 24.00 -22.62
C ASP G 155 -10.78 25.03 -23.70
N ALA G 156 -12.03 25.07 -24.14
CA ALA G 156 -12.46 26.10 -25.09
C ALA G 156 -13.06 27.31 -24.36
N LEU G 157 -13.02 28.46 -25.00
CA LEU G 157 -13.60 29.69 -24.49
C LEU G 157 -14.52 30.32 -25.52
N ARG G 158 -15.61 30.89 -25.04
CA ARG G 158 -16.49 31.70 -25.86
C ARG G 158 -16.66 33.06 -25.17
N ILE G 159 -16.48 34.14 -25.92
CA ILE G 159 -16.68 35.46 -25.36
C ILE G 159 -18.11 35.55 -24.83
N LEU G 160 -18.28 36.15 -23.65
CA LEU G 160 -19.62 36.29 -23.06
C LEU G 160 -20.50 37.20 -23.93
N PRO G 161 -21.80 36.94 -23.93
CA PRO G 161 -22.74 37.61 -24.84
C PRO G 161 -22.69 39.13 -24.76
N GLN G 162 -22.53 39.69 -23.56
CA GLN G 162 -22.53 41.14 -23.41
C GLN G 162 -21.33 41.82 -24.06
N PHE G 163 -20.33 41.02 -24.42
CA PHE G 163 -19.11 41.58 -25.00
C PHE G 163 -18.97 41.31 -26.49
N GLU G 164 -19.95 40.61 -27.06
CA GLU G 164 -19.92 40.25 -28.48
C GLU G 164 -20.46 41.35 -29.38
N MET H 1 28.32 39.55 -18.78
CA MET H 1 27.65 40.75 -19.27
C MET H 1 26.13 40.62 -19.16
N GLN H 2 25.47 41.76 -18.98
CA GLN H 2 24.03 41.80 -18.77
C GLN H 2 23.28 41.86 -20.09
N ILE H 3 22.28 41.00 -20.25
CA ILE H 3 21.27 41.15 -21.27
C ILE H 3 19.89 41.14 -20.60
N PHE H 4 18.86 41.48 -21.36
CA PHE H 4 17.51 41.49 -20.84
C PHE H 4 16.66 40.46 -21.56
N VAL H 5 15.70 39.90 -20.84
CA VAL H 5 14.77 38.94 -21.39
C VAL H 5 13.36 39.33 -20.99
N LYS H 6 12.49 39.54 -21.97
CA LYS H 6 11.08 39.76 -21.66
C LYS H 6 10.36 38.43 -21.68
N THR H 7 9.86 38.02 -20.52
CA THR H 7 9.18 36.74 -20.36
C THR H 7 7.77 36.76 -20.96
N LEU H 8 7.17 35.59 -21.09
CA LEU H 8 5.83 35.48 -21.69
C LEU H 8 4.82 36.24 -20.86
N THR H 9 5.04 36.28 -19.55
CA THR H 9 4.16 37.01 -18.64
C THR H 9 4.46 38.51 -18.60
N GLY H 10 5.22 39.01 -19.56
CA GLY H 10 5.49 40.44 -19.67
C GLY H 10 6.56 40.97 -18.73
N LYS H 11 7.23 40.09 -17.99
CA LYS H 11 8.26 40.53 -17.07
C LYS H 11 9.60 40.66 -17.77
N THR H 12 10.26 41.80 -17.58
CA THR H 12 11.58 42.00 -18.14
C THR H 12 12.65 41.74 -17.11
N ILE H 13 13.44 40.69 -17.31
CA ILE H 13 14.44 40.32 -16.33
C ILE H 13 15.83 40.59 -16.87
N THR H 14 16.78 40.77 -15.98
CA THR H 14 18.17 40.87 -16.36
C THR H 14 18.81 39.50 -16.27
N LEU H 15 19.79 39.26 -17.13
CA LEU H 15 20.46 37.97 -17.15
C LEU H 15 21.94 38.18 -17.39
N GLU H 16 22.77 37.45 -16.65
CA GLU H 16 24.22 37.52 -16.80
C GLU H 16 24.67 36.39 -17.71
N VAL H 17 25.27 36.75 -18.85
CA VAL H 17 25.68 35.76 -19.84
C VAL H 17 27.06 36.08 -20.44
N GLU H 18 27.53 35.17 -21.29
CA GLU H 18 28.75 35.35 -22.06
C GLU H 18 28.39 35.25 -23.54
N PRO H 19 29.18 35.91 -24.41
CA PRO H 19 28.97 35.85 -25.87
C PRO H 19 29.07 34.42 -26.38
N SER H 20 29.88 33.60 -25.72
CA SER H 20 30.08 32.21 -26.15
C SER H 20 29.10 31.25 -25.48
N ASP H 21 28.18 31.79 -24.69
CA ASP H 21 27.10 30.97 -24.14
C ASP H 21 26.24 30.44 -25.28
N THR H 22 25.98 29.13 -25.29
CA THR H 22 25.02 28.57 -26.24
C THR H 22 23.63 28.92 -25.76
N ILE H 23 22.65 28.85 -26.66
CA ILE H 23 21.27 29.10 -26.30
C ILE H 23 20.83 28.18 -25.16
N GLU H 24 21.23 26.91 -25.22
CA GLU H 24 20.92 25.98 -24.13
C GLU H 24 21.38 26.53 -22.79
N ASN H 25 22.62 27.03 -22.75
CA ASN H 25 23.18 27.65 -21.55
C ASN H 25 22.36 28.85 -21.05
N VAL H 26 21.90 29.67 -21.99
CA VAL H 26 21.08 30.82 -21.64
C VAL H 26 19.77 30.32 -21.00
N LYS H 27 19.16 29.31 -21.63
CA LYS H 27 17.92 28.74 -21.11
C LYS H 27 18.12 28.17 -19.71
N ALA H 28 19.28 27.59 -19.46
CA ALA H 28 19.58 27.07 -18.12
C ALA H 28 19.68 28.22 -17.13
N LYS H 29 20.22 29.34 -17.58
CA LYS H 29 20.38 30.50 -16.70
C LYS H 29 19.03 31.12 -16.40
N ILE H 30 18.12 31.06 -17.38
CA ILE H 30 16.77 31.52 -17.17
C ILE H 30 16.06 30.64 -16.16
N GLN H 31 16.25 29.32 -16.29
CA GLN H 31 15.74 28.39 -15.29
C GLN H 31 16.24 28.74 -13.89
N ASP H 32 17.54 28.97 -13.75
CA ASP H 32 18.10 29.31 -12.44
C ASP H 32 17.52 30.61 -11.91
N LYS H 33 17.37 31.60 -12.78
CA LYS H 33 16.80 32.88 -12.40
C LYS H 33 15.30 32.84 -12.11
N GLU H 34 14.54 32.27 -13.04
CA GLU H 34 13.09 32.42 -13.03
C GLU H 34 12.31 31.13 -12.79
N GLY H 35 13.00 29.99 -12.76
CA GLY H 35 12.34 28.72 -12.55
C GLY H 35 11.57 28.21 -13.75
N ILE H 36 11.85 28.79 -14.92
CA ILE H 36 11.17 28.34 -16.13
C ILE H 36 11.95 27.23 -16.81
N PRO H 37 11.38 26.00 -16.82
CA PRO H 37 12.03 24.83 -17.43
C PRO H 37 12.57 25.09 -18.84
N PRO H 38 13.82 24.67 -19.11
CA PRO H 38 14.47 24.98 -20.39
C PRO H 38 13.71 24.42 -21.60
N ASP H 39 12.94 23.35 -21.38
CA ASP H 39 12.25 22.69 -22.49
C ASP H 39 10.95 23.37 -22.93
N GLN H 40 10.49 24.37 -22.19
CA GLN H 40 9.34 25.17 -22.64
C GLN H 40 9.80 26.43 -23.39
N GLN H 41 11.08 26.76 -23.25
CA GLN H 41 11.58 28.06 -23.69
C GLN H 41 11.80 28.19 -25.19
N ARG H 42 11.24 29.25 -25.76
CA ARG H 42 11.54 29.68 -27.12
C ARG H 42 12.12 31.10 -27.03
N LEU H 43 13.42 31.21 -27.28
CA LEU H 43 14.12 32.49 -27.23
C LEU H 43 14.14 33.16 -28.61
N ILE H 44 13.71 34.41 -28.65
CA ILE H 44 13.62 35.14 -29.90
C ILE H 44 14.45 36.41 -29.86
N PHE H 45 15.18 36.66 -30.93
CA PHE H 45 15.89 37.92 -31.13
C PHE H 45 15.75 38.34 -32.58
N ALA H 46 15.22 39.54 -32.79
CA ALA H 46 15.08 40.11 -34.13
C ALA H 46 14.18 39.27 -35.03
N GLY H 47 13.07 38.79 -34.48
CA GLY H 47 12.12 38.02 -35.25
C GLY H 47 12.69 36.69 -35.71
N LYS H 48 13.75 36.25 -35.03
CA LYS H 48 14.33 34.94 -35.30
C LYS H 48 14.34 34.10 -34.03
N GLN H 49 13.82 32.89 -34.11
CA GLN H 49 13.94 31.98 -32.98
C GLN H 49 15.36 31.41 -32.91
N LEU H 50 15.99 31.52 -31.74
CA LEU H 50 17.38 31.13 -31.57
C LEU H 50 17.59 29.62 -31.49
N GLU H 51 18.59 29.11 -32.22
CA GLU H 51 18.88 27.68 -32.30
C GLU H 51 19.73 27.16 -31.11
N ASP H 52 19.27 26.07 -30.50
CA ASP H 52 19.82 25.59 -29.23
C ASP H 52 21.35 25.45 -29.18
N GLY H 53 21.96 25.01 -30.28
CA GLY H 53 23.38 24.69 -30.29
C GLY H 53 24.29 25.81 -30.74
N ARG H 54 23.72 26.99 -30.99
CA ARG H 54 24.50 28.15 -31.40
C ARG H 54 24.76 29.06 -30.20
N THR H 55 25.54 30.11 -30.39
CA THR H 55 25.91 30.98 -29.27
C THR H 55 25.39 32.40 -29.47
N LEU H 56 25.38 33.19 -28.39
CA LEU H 56 24.90 34.56 -28.48
C LEU H 56 25.67 35.35 -29.54
N SER H 57 26.97 35.12 -29.64
CA SER H 57 27.79 35.81 -30.64
C SER H 57 27.42 35.40 -32.06
N ASP H 58 27.11 34.11 -32.24
CA ASP H 58 26.61 33.63 -33.53
C ASP H 58 25.48 34.52 -34.06
N TYR H 59 24.73 35.12 -33.15
CA TYR H 59 23.59 35.97 -33.50
C TYR H 59 23.85 37.46 -33.23
N ASN H 60 25.11 37.83 -33.10
CA ASN H 60 25.47 39.22 -32.79
C ASN H 60 24.70 39.79 -31.59
N ILE H 61 24.41 38.93 -30.62
CA ILE H 61 23.75 39.39 -29.40
C ILE H 61 24.79 39.95 -28.46
N GLN H 62 24.71 41.25 -28.22
CA GLN H 62 25.71 41.93 -27.41
C GLN H 62 25.11 42.48 -26.14
N LYS H 63 25.97 42.93 -25.23
CA LYS H 63 25.56 43.46 -23.93
C LYS H 63 24.31 44.33 -24.04
N GLU H 64 23.39 44.16 -23.11
CA GLU H 64 22.19 44.99 -23.02
C GLU H 64 21.21 44.84 -24.20
N SER H 65 21.33 43.74 -24.94
CA SER H 65 20.31 43.37 -25.91
C SER H 65 19.12 42.73 -25.19
N THR H 66 17.94 42.83 -25.80
CA THR H 66 16.72 42.27 -25.22
C THR H 66 16.25 41.06 -26.05
N LEU H 67 16.03 39.93 -25.38
CA LEU H 67 15.46 38.76 -26.03
C LEU H 67 13.99 38.63 -25.67
N HIS H 68 13.25 37.88 -26.47
CA HIS H 68 11.88 37.56 -26.13
C HIS H 68 11.73 36.08 -25.81
N LEU H 69 11.00 35.79 -24.74
CA LEU H 69 10.78 34.42 -24.37
C LEU H 69 9.31 34.11 -24.58
N VAL H 70 9.03 33.16 -25.47
CA VAL H 70 7.69 32.64 -25.65
C VAL H 70 7.75 31.18 -25.27
N LEU H 71 6.71 30.67 -24.63
CA LEU H 71 6.71 29.30 -24.12
C LEU H 71 5.95 28.33 -25.00
N ARG H 72 6.50 27.12 -25.12
CA ARG H 72 5.78 26.01 -25.71
C ARG H 72 4.80 25.47 -24.68
N LEU H 73 3.52 25.46 -25.05
CA LEU H 73 2.48 25.02 -24.12
C LEU H 73 1.86 23.74 -24.66
N ARG H 74 1.91 22.69 -23.86
CA ARG H 74 1.29 21.43 -24.21
C ARG H 74 0.19 21.18 -23.18
N GLY H 75 -0.74 20.31 -23.53
CA GLY H 75 -1.82 19.95 -22.63
C GLY H 75 -2.86 19.07 -23.28
#